data_6R3S
#
_entry.id   6R3S
#
_cell.length_a   70.598
_cell.length_b   71.120
_cell.length_c   169.785
_cell.angle_alpha   90.00
_cell.angle_beta   90.00
_cell.angle_gamma   90.00
#
_symmetry.space_group_name_H-M   'P 21 21 21'
#
loop_
_entity.id
_entity.type
_entity.pdbx_description
1 polymer 'Cyclin-dependent kinase 8'
2 polymer Cyclin-C
3 non-polymer 6-[5-chloranyl-4-[(1~{S})-1-oxidanylethyl]pyridin-3-yl]-3,4-dihydro-2~{H}-1,8-naphthyridine-1-carboxamide
4 non-polymer 1,2-ETHANEDIOL
5 non-polymer 'FORMIC ACID'
6 water water
#
loop_
_entity_poly.entity_id
_entity_poly.type
_entity_poly.pdbx_seq_one_letter_code
_entity_poly.pdbx_strand_id
1 'polypeptide(L)'
;DDKMDYDFKVKLSSERERVEDLFEYEGCKVGRGTYGHVYKAKRKDGKDDKDYALKQIEGTGISMSACREIALLRELKHPN
VISLQKVFLSHADRKVWLLFDYAEHDLWHIIKFHRASKANKKPVQLPRGMVKSLLYQILDGIHYLHANWVLHRDLKPANI
LVMGEGPERGRVKIADMGFARLFNSPLKPLADLDPVVVTFWYRAPELLLGARHYTKAIDIWAIGCIFAELLTSEPIFHCR
QEDIKTSNPYHHDQLDRIFNVMGFPADKDWEDIKKMPEHSTLMKDFRRNTYTNCSLIKYMEKHKVKPDSKAFHLLQKLLT
MDPIKRITSEQAMQDPYFLEDPLPTSDVFAGCQIPYPKREFLTEEEPDDKGDKKNQQQQQGNNHTNGTGHPGNQDSSHTQ
GPPLKK
;
A
2 'polypeptide(L)'
;DDKAMAGNFWQSSHYLQWILDKQDLLKERQKDLKFLSEEEYWKLQIFFTNVIQALGEHLKLRQQVIATATVYFKRFYARY
SLKSIDPVLMAPTCVFLASKVEEFGVVSNTRLIAAATSVLKTRFSYAFPKEFPYRMNHILECEFYLLELMDCCLIVYHPY
RPLLQYVQDMGQEDMLLPLAWRIVNDTYRTDLCLLYPPFMIALACLHVACVVQQKDARQWFAELSVDMEKILEIIRVILK
LYEQWKNFDERKEMATILSKMPKPKPPPNSEGEQGPNGSQNSSYSQS
;
B
#
loop_
_chem_comp.id
_chem_comp.type
_chem_comp.name
_chem_comp.formula
EDO non-polymer 1,2-ETHANEDIOL 'C2 H6 O2'
FMT non-polymer 'FORMIC ACID' 'C H2 O2'
JRE non-polymer 6-[5-chloranyl-4-[(1~{S})-1-oxidanylethyl]pyridin-3-yl]-3,4-dihydro-2~{H}-1,8-naphthyridine-1-carboxamide 'C16 H17 Cl N4 O2'
#
# COMPACT_ATOMS: atom_id res chain seq x y z
N ASP A 1 17.34 20.97 -10.97
CA ASP A 1 17.22 22.27 -10.23
C ASP A 1 18.55 23.01 -10.31
N ASP A 2 18.49 24.35 -10.37
CA ASP A 2 19.69 25.19 -10.33
C ASP A 2 20.34 25.18 -8.94
N LYS A 3 19.50 25.22 -7.90
CA LYS A 3 19.95 25.12 -6.50
C LYS A 3 20.29 23.70 -5.99
N MET A 4 20.09 22.66 -6.81
CA MET A 4 20.64 21.31 -6.51
C MET A 4 22.13 21.29 -6.80
N ASP A 5 22.89 20.53 -6.00
CA ASP A 5 24.32 20.39 -6.20
C ASP A 5 24.58 19.67 -7.52
N TYR A 6 25.44 20.28 -8.33
CA TYR A 6 25.76 19.79 -9.67
C TYR A 6 26.44 18.42 -9.63
N ASP A 7 27.42 18.25 -8.75
CA ASP A 7 28.17 16.97 -8.64
C ASP A 7 27.26 15.82 -8.25
N PHE A 8 26.48 16.02 -7.19
CA PHE A 8 25.39 15.12 -6.79
C PHE A 8 24.49 14.75 -7.98
N LYS A 9 24.03 15.77 -8.70
CA LYS A 9 23.13 15.59 -9.82
C LYS A 9 23.70 14.76 -10.98
N VAL A 10 24.94 15.03 -11.38
N VAL A 10 24.95 15.03 -11.35
CA VAL A 10 25.57 14.29 -12.50
CA VAL A 10 25.60 14.34 -12.47
C VAL A 10 26.00 12.87 -12.11
C VAL A 10 26.03 12.91 -12.11
N LYS A 11 26.41 12.69 -10.85
CA LYS A 11 26.72 11.35 -10.33
C LYS A 11 25.48 10.43 -10.41
N LEU A 12 24.36 10.88 -9.86
CA LEU A 12 23.11 10.11 -9.92
C LEU A 12 22.67 9.84 -11.36
N SER A 13 22.72 10.86 -12.20
CA SER A 13 22.38 10.71 -13.62
C SER A 13 23.26 9.67 -14.35
N SER A 14 24.56 9.68 -14.06
CA SER A 14 25.51 8.70 -14.61
C SER A 14 25.21 7.27 -14.16
N GLU A 15 24.81 7.13 -12.91
CA GLU A 15 24.54 5.81 -12.30
C GLU A 15 23.12 5.27 -12.53
N ARG A 16 22.16 6.15 -12.85
CA ARG A 16 20.75 5.76 -12.84
C ARG A 16 20.42 4.73 -13.92
N GLU A 17 19.90 3.58 -13.51
CA GLU A 17 19.43 2.56 -14.45
C GLU A 17 18.19 3.06 -15.18
N ARG A 18 18.24 3.04 -16.50
CA ARG A 18 17.13 3.46 -17.35
C ARG A 18 16.45 2.21 -17.92
N VAL A 19 15.12 2.21 -17.96
CA VAL A 19 14.35 1.05 -18.41
C VAL A 19 14.73 0.60 -19.83
N GLU A 20 14.90 1.57 -20.73
CA GLU A 20 15.27 1.30 -22.13
C GLU A 20 16.68 0.73 -22.35
N ASP A 21 17.59 0.94 -21.39
CA ASP A 21 18.92 0.33 -21.42
C ASP A 21 18.88 -1.14 -21.00
N LEU A 22 18.09 -1.46 -19.99
CA LEU A 22 18.05 -2.83 -19.44
C LEU A 22 17.09 -3.80 -20.14
N PHE A 23 16.05 -3.29 -20.80
CA PHE A 23 14.96 -4.13 -21.30
C PHE A 23 14.56 -3.82 -22.71
N GLU A 24 14.28 -4.88 -23.46
CA GLU A 24 13.75 -4.80 -24.81
C GLU A 24 12.23 -4.97 -24.72
N TYR A 25 11.49 -3.89 -24.95
CA TYR A 25 10.03 -3.87 -24.86
C TYR A 25 9.29 -3.26 -26.05
N GLU A 26 9.97 -2.52 -26.93
CA GLU A 26 9.31 -1.87 -28.07
C GLU A 26 8.72 -2.91 -29.03
N GLY A 27 7.43 -2.74 -29.32
CA GLY A 27 6.66 -3.72 -30.08
C GLY A 27 6.10 -4.86 -29.27
N CYS A 28 6.40 -4.91 -27.97
CA CYS A 28 6.00 -6.04 -27.14
C CYS A 28 4.86 -5.72 -26.18
N LYS A 29 4.01 -4.77 -26.55
CA LYS A 29 2.81 -4.44 -25.78
C LYS A 29 1.85 -5.64 -25.80
N VAL A 30 1.40 -6.07 -24.63
CA VAL A 30 0.37 -7.13 -24.49
C VAL A 30 -0.97 -6.62 -23.98
N GLY A 31 -0.97 -5.60 -23.11
CA GLY A 31 -2.20 -5.04 -22.53
C GLY A 31 -2.14 -3.54 -22.25
N ARG A 32 -3.31 -2.98 -21.93
CA ARG A 32 -3.46 -1.57 -21.58
C ARG A 32 -4.82 -1.37 -20.89
N GLY A 33 -4.82 -1.44 -19.55
CA GLY A 33 -6.03 -1.28 -18.73
C GLY A 33 -6.11 0.07 -18.06
N HIS A 37 -0.33 0.75 -20.06
CA HIS A 37 0.62 0.14 -20.99
C HIS A 37 1.41 -0.99 -20.31
N VAL A 38 1.10 -2.24 -20.68
CA VAL A 38 1.75 -3.43 -20.15
C VAL A 38 2.51 -4.12 -21.29
N TYR A 39 3.79 -4.41 -21.06
CA TYR A 39 4.68 -4.99 -22.05
C TYR A 39 5.27 -6.32 -21.58
N LYS A 40 5.50 -7.23 -22.52
CA LYS A 40 6.25 -8.44 -22.26
C LYS A 40 7.69 -8.16 -22.67
N ALA A 41 8.60 -8.19 -21.71
CA ALA A 41 9.96 -7.72 -21.92
C ALA A 41 10.98 -8.82 -21.64
N LYS A 42 12.11 -8.74 -22.34
CA LYS A 42 13.27 -9.57 -22.06
C LYS A 42 14.42 -8.66 -21.67
N ARG A 43 15.32 -9.17 -20.83
CA ARG A 43 16.55 -8.47 -20.47
C ARG A 43 17.47 -8.35 -21.69
N LYS A 44 18.15 -7.22 -21.80
CA LYS A 44 19.00 -6.93 -22.97
C LYS A 44 20.37 -7.61 -22.95
N ASP A 45 20.95 -7.79 -21.76
CA ASP A 45 22.23 -8.53 -21.62
C ASP A 45 22.15 -10.02 -22.00
N GLY A 46 20.97 -10.62 -21.85
CA GLY A 46 20.76 -12.04 -22.14
C GLY A 46 21.29 -12.97 -21.05
N LYS A 47 21.22 -12.50 -19.80
CA LYS A 47 21.66 -13.27 -18.64
C LYS A 47 20.54 -14.12 -18.01
N ASP A 48 19.29 -13.82 -18.35
CA ASP A 48 18.12 -14.54 -17.83
C ASP A 48 17.40 -15.37 -18.88
N ASP A 49 16.99 -14.73 -19.98
CA ASP A 49 16.06 -15.30 -20.98
C ASP A 49 14.63 -15.50 -20.40
N LYS A 50 14.39 -15.02 -19.18
CA LYS A 50 13.06 -15.00 -18.59
C LYS A 50 12.26 -13.86 -19.22
N ASP A 51 10.94 -13.99 -19.18
CA ASP A 51 10.03 -12.93 -19.61
C ASP A 51 9.64 -12.10 -18.39
N TYR A 52 9.56 -10.79 -18.58
CA TYR A 52 9.14 -9.85 -17.54
C TYR A 52 7.95 -9.04 -18.01
N ALA A 53 7.09 -8.65 -17.08
CA ALA A 53 6.03 -7.67 -17.34
C ALA A 53 6.53 -6.29 -16.94
N LEU A 54 6.57 -5.36 -17.90
CA LEU A 54 6.80 -3.93 -17.62
C LEU A 54 5.48 -3.20 -17.71
N LYS A 55 5.11 -2.52 -16.63
CA LYS A 55 3.95 -1.65 -16.60
C LYS A 55 4.42 -0.19 -16.54
N GLN A 56 4.13 0.57 -17.59
CA GLN A 56 4.31 2.01 -17.53
C GLN A 56 3.02 2.60 -16.96
N ILE A 57 3.12 3.26 -15.80
CA ILE A 57 1.95 3.84 -15.13
C ILE A 57 1.37 4.96 -15.99
N GLU A 58 0.03 5.04 -16.05
CA GLU A 58 -0.66 6.10 -16.79
C GLU A 58 -0.47 7.45 -16.10
N GLY A 59 -0.38 8.51 -16.90
CA GLY A 59 -0.10 9.85 -16.40
C GLY A 59 1.39 10.10 -16.25
N THR A 60 1.72 11.23 -15.63
CA THR A 60 3.10 11.59 -15.33
C THR A 60 3.25 11.94 -13.85
N GLY A 61 4.49 11.89 -13.37
CA GLY A 61 4.77 12.12 -11.97
C GLY A 61 4.32 10.94 -11.14
N ILE A 62 4.00 11.21 -9.88
CA ILE A 62 3.62 10.17 -8.94
C ILE A 62 2.29 10.60 -8.35
N SER A 63 1.21 10.06 -8.89
CA SER A 63 -0.13 10.36 -8.40
C SER A 63 -0.41 9.59 -7.11
N MET A 64 -1.49 9.94 -6.44
CA MET A 64 -1.91 9.24 -5.22
C MET A 64 -2.05 7.72 -5.45
N SER A 65 -2.68 7.36 -6.56
N SER A 65 -2.68 7.36 -6.56
CA SER A 65 -2.83 5.96 -6.96
CA SER A 65 -2.83 5.96 -6.97
C SER A 65 -1.50 5.27 -7.22
C SER A 65 -1.50 5.26 -7.23
N ALA A 66 -0.59 5.95 -7.92
CA ALA A 66 0.75 5.44 -8.18
C ALA A 66 1.57 5.31 -6.88
N CYS A 67 1.49 6.30 -6.00
N CYS A 67 1.49 6.31 -6.01
CA CYS A 67 2.17 6.28 -4.70
CA CYS A 67 2.17 6.30 -4.72
C CYS A 67 1.77 5.08 -3.87
C CYS A 67 1.77 5.10 -3.86
N ARG A 68 0.46 4.90 -3.72
CA ARG A 68 -0.07 3.78 -2.91
C ARG A 68 0.23 2.42 -3.49
N GLU A 69 0.20 2.31 -4.83
CA GLU A 69 0.55 1.08 -5.49
C GLU A 69 2.01 0.71 -5.26
N ILE A 70 2.90 1.66 -5.46
CA ILE A 70 4.32 1.47 -5.19
C ILE A 70 4.53 1.16 -3.70
N ALA A 71 3.90 1.94 -2.82
CA ALA A 71 4.02 1.77 -1.37
C ALA A 71 3.69 0.36 -0.90
N LEU A 72 2.55 -0.17 -1.35
CA LEU A 72 2.10 -1.46 -0.87
C LEU A 72 2.80 -2.64 -1.54
N LEU A 73 3.03 -2.56 -2.85
CA LEU A 73 3.76 -3.62 -3.56
C LEU A 73 5.17 -3.78 -3.03
N ARG A 74 5.80 -2.66 -2.67
CA ARG A 74 7.13 -2.67 -2.08
C ARG A 74 7.22 -3.48 -0.78
N GLU A 75 6.11 -3.58 -0.04
CA GLU A 75 6.04 -4.37 1.19
C GLU A 75 5.49 -5.80 1.00
N LEU A 76 4.52 -5.98 0.11
CA LEU A 76 3.81 -7.27 0.02
C LEU A 76 4.69 -8.38 -0.56
N LYS A 77 4.76 -9.50 0.13
CA LYS A 77 5.56 -10.65 -0.30
C LYS A 77 4.80 -11.94 0.05
N HIS A 78 4.35 -12.64 -0.98
CA HIS A 78 3.58 -13.87 -0.80
C HIS A 78 3.52 -14.62 -2.14
N PRO A 79 3.60 -15.98 -2.13
CA PRO A 79 3.67 -16.69 -3.41
C PRO A 79 2.49 -16.47 -4.40
N ASN A 80 1.30 -16.25 -3.87
CA ASN A 80 0.09 -15.92 -4.65
C ASN A 80 -0.30 -14.46 -4.85
N VAL A 81 0.61 -13.53 -4.61
CA VAL A 81 0.39 -12.13 -4.93
C VAL A 81 1.51 -11.73 -5.84
N ILE A 82 1.19 -11.01 -6.92
CA ILE A 82 2.21 -10.56 -7.88
C ILE A 82 3.27 -9.71 -7.18
N SER A 83 4.52 -9.96 -7.54
CA SER A 83 5.68 -9.43 -6.82
C SER A 83 6.40 -8.38 -7.65
N LEU A 84 6.45 -7.15 -7.12
CA LEU A 84 7.22 -6.06 -7.72
C LEU A 84 8.73 -6.35 -7.62
N GLN A 85 9.40 -6.42 -8.77
CA GLN A 85 10.85 -6.67 -8.82
C GLN A 85 11.67 -5.38 -8.74
N LYS A 86 11.18 -4.31 -9.37
CA LYS A 86 11.96 -3.09 -9.59
C LYS A 86 11.06 -1.95 -10.03
N VAL A 87 11.42 -0.73 -9.66
CA VAL A 87 10.73 0.48 -10.10
C VAL A 87 11.74 1.34 -10.84
N PHE A 88 11.38 1.80 -12.05
CA PHE A 88 12.18 2.79 -12.78
C PHE A 88 11.52 4.15 -12.77
N LEU A 89 12.29 5.17 -12.40
CA LEU A 89 11.85 6.56 -12.45
C LEU A 89 12.54 7.27 -13.61
N SER A 90 11.77 7.62 -14.63
CA SER A 90 12.31 8.18 -15.86
C SER A 90 12.26 9.70 -15.71
N HIS A 91 13.41 10.29 -15.43
CA HIS A 91 13.49 11.69 -14.98
C HIS A 91 13.09 12.72 -16.05
N ALA A 92 13.46 12.47 -17.30
CA ALA A 92 13.17 13.38 -18.42
C ALA A 92 11.67 13.60 -18.63
N ASP A 93 10.95 12.51 -18.92
CA ASP A 93 9.51 12.56 -19.15
C ASP A 93 8.67 12.36 -17.87
N ARG A 94 9.32 12.13 -16.73
CA ARG A 94 8.65 11.93 -15.45
C ARG A 94 7.63 10.78 -15.46
N LYS A 95 8.01 9.70 -16.14
CA LYS A 95 7.19 8.49 -16.24
C LYS A 95 7.75 7.43 -15.28
N VAL A 96 6.85 6.58 -14.81
CA VAL A 96 7.17 5.57 -13.82
C VAL A 96 6.93 4.22 -14.45
N TRP A 97 7.88 3.30 -14.28
CA TRP A 97 7.78 1.92 -14.79
C TRP A 97 7.94 0.92 -13.66
N LEU A 98 7.09 -0.10 -13.66
CA LEU A 98 7.11 -1.18 -12.67
C LEU A 98 7.47 -2.49 -13.35
N LEU A 99 8.42 -3.22 -12.78
CA LEU A 99 8.86 -4.49 -13.31
C LEU A 99 8.29 -5.62 -12.45
N PHE A 100 7.68 -6.60 -13.11
CA PHE A 100 7.15 -7.80 -12.46
C PHE A 100 7.62 -9.03 -13.23
N ASP A 101 7.57 -10.19 -12.55
CA ASP A 101 7.69 -11.46 -13.28
C ASP A 101 6.44 -11.63 -14.16
N TYR A 102 6.66 -12.21 -15.32
CA TYR A 102 5.64 -12.31 -16.36
C TYR A 102 4.77 -13.54 -16.15
N ALA A 103 3.47 -13.33 -16.06
CA ALA A 103 2.50 -14.42 -15.95
C ALA A 103 1.87 -14.62 -17.31
N GLU A 104 2.13 -15.76 -17.93
CA GLU A 104 1.63 -16.05 -19.28
C GLU A 104 0.10 -16.12 -19.37
N HIS A 105 -0.56 -16.61 -18.33
CA HIS A 105 -2.01 -16.85 -18.36
C HIS A 105 -2.79 -16.08 -17.31
N ASP A 106 -4.11 -16.15 -17.45
CA ASP A 106 -5.02 -15.58 -16.47
C ASP A 106 -6.37 -16.23 -16.63
N LEU A 107 -7.23 -16.02 -15.64
CA LEU A 107 -8.53 -16.71 -15.64
C LEU A 107 -9.51 -16.19 -16.67
N TRP A 108 -9.40 -14.92 -17.07
CA TRP A 108 -10.25 -14.40 -18.15
C TRP A 108 -10.02 -15.23 -19.41
N HIS A 109 -8.76 -15.36 -19.82
CA HIS A 109 -8.39 -16.13 -21.01
C HIS A 109 -8.61 -17.63 -20.87
N ILE A 110 -8.25 -18.20 -19.72
CA ILE A 110 -8.48 -19.63 -19.44
C ILE A 110 -9.96 -19.96 -19.53
N ILE A 111 -10.79 -19.20 -18.83
CA ILE A 111 -12.25 -19.42 -18.85
C ILE A 111 -12.83 -19.20 -20.25
N LYS A 112 -12.44 -18.11 -20.91
CA LYS A 112 -12.82 -17.82 -22.30
C LYS A 112 -12.51 -19.01 -23.23
N PHE A 113 -11.34 -19.63 -23.04
CA PHE A 113 -10.93 -20.83 -23.79
C PHE A 113 -11.87 -22.02 -23.57
N HIS A 114 -12.31 -22.24 -22.33
CA HIS A 114 -13.25 -23.32 -22.02
C HIS A 114 -14.67 -23.04 -22.51
N ARG A 115 -15.12 -21.80 -22.33
CA ARG A 115 -16.41 -21.33 -22.85
C ARG A 115 -16.49 -21.45 -24.39
N ALA A 116 -15.39 -21.17 -25.08
CA ALA A 116 -15.29 -21.36 -26.53
C ALA A 116 -15.21 -22.83 -26.94
N SER A 117 -14.54 -23.66 -26.13
CA SER A 117 -14.43 -25.11 -26.39
C SER A 117 -15.77 -25.83 -26.25
N LYS A 118 -16.61 -25.35 -25.32
CA LYS A 118 -18.00 -25.83 -25.18
C LYS A 118 -18.80 -25.66 -26.48
N ALA A 119 -18.63 -24.52 -27.15
CA ALA A 119 -19.25 -24.27 -28.46
C ALA A 119 -18.72 -25.20 -29.55
N ASN A 120 -17.40 -25.43 -29.56
CA ASN A 120 -16.78 -26.38 -30.49
C ASN A 120 -16.99 -27.83 -30.03
N LYS A 121 -18.22 -28.31 -30.16
CA LYS A 121 -18.64 -29.62 -29.65
C LYS A 121 -18.96 -30.56 -30.81
N GLN A 125 -15.72 -29.23 -20.17
CA GLN A 125 -15.72 -28.50 -18.90
C GLN A 125 -14.30 -28.26 -18.38
N LEU A 126 -14.20 -27.37 -17.40
CA LEU A 126 -12.91 -27.03 -16.77
C LEU A 126 -12.51 -28.14 -15.79
N PRO A 127 -11.26 -28.68 -15.90
CA PRO A 127 -10.82 -29.77 -15.00
C PRO A 127 -10.99 -29.50 -13.48
N ARG A 128 -11.62 -30.42 -12.77
CA ARG A 128 -12.08 -30.17 -11.39
C ARG A 128 -10.98 -30.13 -10.31
N GLY A 129 -9.90 -30.89 -10.51
CA GLY A 129 -8.66 -30.72 -9.73
C GLY A 129 -8.03 -29.34 -9.89
N MET A 130 -8.05 -28.81 -11.12
CA MET A 130 -7.58 -27.46 -11.45
C MET A 130 -8.42 -26.38 -10.81
N VAL A 131 -9.74 -26.53 -10.87
CA VAL A 131 -10.69 -25.58 -10.28
C VAL A 131 -10.40 -25.39 -8.78
N LYS A 132 -10.33 -26.52 -8.06
CA LYS A 132 -10.05 -26.53 -6.63
C LYS A 132 -8.73 -25.85 -6.30
N SER A 133 -7.68 -26.21 -7.03
CA SER A 133 -6.33 -25.69 -6.79
C SER A 133 -6.24 -24.19 -7.03
N LEU A 134 -6.93 -23.73 -8.08
CA LEU A 134 -7.04 -22.30 -8.36
C LEU A 134 -7.74 -21.56 -7.22
N LEU A 135 -8.90 -22.07 -6.81
CA LEU A 135 -9.66 -21.46 -5.71
C LEU A 135 -8.84 -21.40 -4.42
N TYR A 136 -8.12 -22.48 -4.10
CA TYR A 136 -7.30 -22.52 -2.91
C TYR A 136 -6.22 -21.42 -2.91
N GLN A 137 -5.58 -21.23 -4.06
CA GLN A 137 -4.51 -20.25 -4.18
C GLN A 137 -5.03 -18.82 -4.21
N ILE A 138 -6.19 -18.62 -4.86
CA ILE A 138 -6.85 -17.31 -4.79
C ILE A 138 -7.14 -16.95 -3.31
N LEU A 139 -7.69 -17.90 -2.57
CA LEU A 139 -8.01 -17.69 -1.14
C LEU A 139 -6.78 -17.44 -0.28
N ASP A 140 -5.71 -18.18 -0.55
CA ASP A 140 -4.44 -18.02 0.14
C ASP A 140 -3.86 -16.62 -0.04
N GLY A 141 -3.84 -16.14 -1.28
CA GLY A 141 -3.34 -14.80 -1.58
C GLY A 141 -4.20 -13.68 -1.02
N ILE A 142 -5.51 -13.83 -1.13
CA ILE A 142 -6.46 -12.86 -0.56
C ILE A 142 -6.41 -12.88 0.97
N HIS A 143 -6.28 -14.06 1.57
CA HIS A 143 -6.07 -14.15 3.02
C HIS A 143 -4.84 -13.37 3.51
N TYR A 144 -3.75 -13.45 2.76
CA TYR A 144 -2.52 -12.72 3.07
C TYR A 144 -2.74 -11.20 3.00
N LEU A 145 -3.42 -10.76 1.94
CA LEU A 145 -3.71 -9.34 1.79
C LEU A 145 -4.59 -8.86 2.94
N HIS A 146 -5.70 -9.55 3.14
CA HIS A 146 -6.63 -9.28 4.25
C HIS A 146 -6.00 -9.31 5.63
N ALA A 147 -5.13 -10.27 5.90
CA ALA A 147 -4.42 -10.30 7.22
C ALA A 147 -3.55 -9.06 7.43
N ASN A 148 -3.08 -8.47 6.33
CA ASN A 148 -2.35 -7.20 6.33
C ASN A 148 -3.23 -5.96 6.11
N TRP A 149 -4.55 -6.14 6.22
CA TRP A 149 -5.52 -5.05 6.04
C TRP A 149 -5.41 -4.35 4.68
N VAL A 150 -5.15 -5.15 3.64
CA VAL A 150 -5.11 -4.68 2.27
C VAL A 150 -6.27 -5.36 1.55
N LEU A 151 -7.22 -4.55 1.10
CA LEU A 151 -8.33 -5.02 0.29
C LEU A 151 -7.93 -4.99 -1.20
N HIS A 152 -8.49 -5.88 -2.01
CA HIS A 152 -8.27 -5.85 -3.47
C HIS A 152 -9.18 -4.81 -4.11
N ARG A 153 -10.47 -4.89 -3.80
CA ARG A 153 -11.49 -3.89 -4.18
C ARG A 153 -11.95 -3.92 -5.65
N ASP A 154 -11.46 -4.89 -6.41
CA ASP A 154 -11.75 -5.02 -7.85
C ASP A 154 -11.44 -6.42 -8.35
N LEU A 155 -11.81 -7.46 -7.59
CA LEU A 155 -11.50 -8.85 -7.96
C LEU A 155 -12.35 -9.35 -9.11
N LYS A 156 -11.70 -9.85 -10.15
CA LYS A 156 -12.36 -10.46 -11.32
C LYS A 156 -11.38 -11.43 -12.01
N PRO A 157 -11.86 -12.31 -12.91
CA PRO A 157 -10.95 -13.28 -13.54
C PRO A 157 -9.70 -12.70 -14.20
N ALA A 158 -9.82 -11.54 -14.85
CA ALA A 158 -8.66 -10.86 -15.48
C ALA A 158 -7.50 -10.55 -14.52
N ASN A 159 -7.82 -10.40 -13.24
CA ASN A 159 -6.85 -10.13 -12.17
C ASN A 159 -6.24 -11.34 -11.47
N ILE A 160 -6.72 -12.54 -11.79
CA ILE A 160 -6.16 -13.78 -11.26
C ILE A 160 -5.23 -14.32 -12.36
N LEU A 161 -3.93 -14.03 -12.22
CA LEU A 161 -2.95 -14.46 -13.20
C LEU A 161 -2.51 -15.87 -12.86
N VAL A 162 -2.02 -16.60 -13.86
CA VAL A 162 -1.49 -17.95 -13.65
C VAL A 162 -0.18 -18.05 -14.42
N MET A 163 0.86 -18.47 -13.72
CA MET A 163 2.19 -18.56 -14.28
C MET A 163 2.29 -19.72 -15.27
N GLY A 164 3.06 -19.50 -16.33
CA GLY A 164 3.29 -20.51 -17.36
C GLY A 164 4.52 -21.34 -17.07
N GLU A 165 5.10 -21.90 -18.14
CA GLU A 165 6.29 -22.74 -18.05
C GLU A 165 7.41 -21.95 -17.39
N GLY A 166 8.15 -22.59 -16.49
CA GLY A 166 9.15 -21.92 -15.65
C GLY A 166 9.13 -22.50 -14.24
N PRO A 167 9.87 -21.88 -13.30
CA PRO A 167 9.95 -22.41 -11.93
C PRO A 167 8.68 -22.32 -11.11
N GLU A 168 7.74 -21.44 -11.47
CA GLU A 168 6.46 -21.29 -10.75
C GLU A 168 5.24 -21.78 -11.55
N ARG A 169 5.47 -22.79 -12.40
CA ARG A 169 4.47 -23.36 -13.29
C ARG A 169 3.11 -23.58 -12.62
N GLY A 170 2.08 -22.94 -13.15
CA GLY A 170 0.72 -23.08 -12.65
C GLY A 170 0.43 -22.47 -11.28
N ARG A 171 1.23 -21.51 -10.84
CA ARG A 171 0.95 -20.80 -9.60
C ARG A 171 0.07 -19.58 -9.87
N VAL A 172 -0.93 -19.38 -9.02
CA VAL A 172 -1.78 -18.21 -9.11
C VAL A 172 -1.00 -16.98 -8.64
N LYS A 173 -1.20 -15.86 -9.31
CA LYS A 173 -0.70 -14.56 -8.87
C LYS A 173 -1.81 -13.54 -8.94
N ILE A 174 -2.31 -13.10 -7.77
CA ILE A 174 -3.32 -12.03 -7.73
C ILE A 174 -2.63 -10.73 -8.12
N ALA A 175 -3.26 -9.98 -9.03
CA ALA A 175 -2.70 -8.75 -9.57
C ALA A 175 -3.74 -7.64 -9.65
N ASP A 176 -3.25 -6.44 -9.93
CA ASP A 176 -4.07 -5.26 -10.24
C ASP A 176 -5.07 -4.91 -9.14
N MET A 177 -4.60 -4.98 -7.89
CA MET A 177 -5.35 -4.50 -6.72
C MET A 177 -5.79 -3.04 -6.95
N GLY A 178 -6.97 -2.69 -6.45
CA GLY A 178 -7.44 -1.30 -6.41
C GLY A 178 -6.77 -0.56 -5.26
N PHE A 179 -5.52 -0.15 -5.48
CA PHE A 179 -4.68 0.39 -4.40
C PHE A 179 -5.07 1.78 -3.87
N ALA A 180 -5.75 2.58 -4.69
CA ALA A 180 -6.28 3.86 -4.24
C ALA A 180 -7.76 3.99 -4.56
N ARG A 181 -8.55 4.18 -3.50
CA ARG A 181 -9.94 4.59 -3.59
C ARG A 181 -10.10 5.68 -2.54
N LEU A 182 -10.52 6.87 -2.99
CA LEU A 182 -10.68 8.03 -2.11
C LEU A 182 -11.60 7.70 -0.94
N PHE A 183 -11.10 7.90 0.28
CA PHE A 183 -11.82 7.59 1.54
C PHE A 183 -12.29 6.13 1.64
N ASN A 184 -11.56 5.21 0.99
CA ASN A 184 -11.93 3.80 0.86
C ASN A 184 -13.40 3.62 0.39
N SER A 185 -13.83 4.47 -0.54
CA SER A 185 -15.25 4.61 -0.92
C SER A 185 -15.55 4.14 -2.35
N PRO A 186 -16.55 3.23 -2.52
CA PRO A 186 -17.04 2.88 -3.86
C PRO A 186 -17.81 4.01 -4.57
N LEU A 187 -18.34 4.95 -3.79
CA LEU A 187 -19.15 6.06 -4.32
C LEU A 187 -18.34 7.14 -5.04
N LYS A 188 -17.02 7.14 -4.89
CA LYS A 188 -16.13 8.09 -5.57
C LYS A 188 -15.69 7.53 -6.93
N PRO A 189 -15.40 8.41 -7.91
CA PRO A 189 -14.94 7.95 -9.23
C PRO A 189 -13.48 7.48 -9.20
N THR A 199 -17.67 -3.62 -15.83
CA THR A 199 -18.42 -4.81 -15.41
C THR A 199 -18.89 -4.71 -13.95
N PHE A 200 -20.18 -4.99 -13.71
CA PHE A 200 -20.71 -5.10 -12.35
C PHE A 200 -20.95 -6.57 -11.91
N TRP A 201 -20.45 -7.54 -12.68
CA TRP A 201 -20.78 -8.95 -12.49
C TRP A 201 -20.22 -9.57 -11.20
N TYR A 202 -19.14 -9.00 -10.68
CA TYR A 202 -18.45 -9.52 -9.49
C TYR A 202 -18.67 -8.64 -8.25
N ARG A 203 -19.61 -7.68 -8.33
CA ARG A 203 -19.89 -6.75 -7.25
C ARG A 203 -20.93 -7.27 -6.28
N ALA A 204 -20.60 -7.26 -4.99
CA ALA A 204 -21.45 -7.78 -3.94
C ALA A 204 -22.73 -6.96 -3.81
N PRO A 205 -23.85 -7.60 -3.38
CA PRO A 205 -25.13 -6.86 -3.38
C PRO A 205 -25.14 -5.61 -2.50
N GLU A 206 -24.36 -5.60 -1.41
CA GLU A 206 -24.25 -4.40 -0.56
C GLU A 206 -23.68 -3.18 -1.31
N LEU A 207 -22.75 -3.42 -2.25
CA LEU A 207 -22.27 -2.34 -3.12
C LEU A 207 -23.36 -1.78 -3.99
N LEU A 208 -24.18 -2.68 -4.55
CA LEU A 208 -25.29 -2.27 -5.41
C LEU A 208 -26.39 -1.55 -4.60
N LEU A 209 -26.51 -1.85 -3.31
CA LEU A 209 -27.44 -1.12 -2.44
C LEU A 209 -26.83 0.07 -1.70
N GLY A 210 -25.66 0.53 -2.16
CA GLY A 210 -25.07 1.80 -1.72
C GLY A 210 -24.09 1.73 -0.55
N ALA A 211 -23.40 0.61 -0.36
CA ALA A 211 -22.41 0.53 0.71
C ALA A 211 -21.36 1.60 0.50
N ARG A 212 -21.01 2.30 1.58
CA ARG A 212 -20.14 3.48 1.52
C ARG A 212 -18.65 3.16 1.63
N HIS A 213 -18.29 1.90 1.93
CA HIS A 213 -16.88 1.49 2.04
C HIS A 213 -16.61 0.09 1.50
N TYR A 214 -15.39 -0.13 1.02
CA TYR A 214 -14.95 -1.48 0.65
C TYR A 214 -14.59 -2.26 1.93
N THR A 215 -14.82 -3.57 1.89
CA THR A 215 -14.69 -4.47 3.04
C THR A 215 -14.07 -5.76 2.56
N LYS A 216 -13.54 -6.56 3.51
CA LYS A 216 -13.04 -7.90 3.21
C LYS A 216 -14.16 -8.76 2.58
N ALA A 217 -15.34 -8.72 3.18
CA ALA A 217 -16.53 -9.41 2.67
C ALA A 217 -16.82 -9.16 1.18
N ILE A 218 -16.60 -7.94 0.71
CA ILE A 218 -16.81 -7.58 -0.70
C ILE A 218 -15.85 -8.36 -1.60
N ASP A 219 -14.60 -8.51 -1.18
CA ASP A 219 -13.63 -9.36 -1.89
C ASP A 219 -14.07 -10.82 -1.96
N ILE A 220 -14.60 -11.34 -0.87
CA ILE A 220 -14.96 -12.77 -0.78
C ILE A 220 -16.13 -13.10 -1.71
N TRP A 221 -17.14 -12.23 -1.79
CA TRP A 221 -18.21 -12.38 -2.78
C TRP A 221 -17.66 -12.55 -4.19
N ALA A 222 -16.71 -11.70 -4.55
CA ALA A 222 -16.06 -11.76 -5.88
C ALA A 222 -15.38 -13.09 -6.11
N ILE A 223 -14.72 -13.65 -5.09
CA ILE A 223 -14.14 -14.99 -5.16
C ILE A 223 -15.24 -16.05 -5.38
N GLY A 224 -16.35 -15.89 -4.67
CA GLY A 224 -17.53 -16.73 -4.89
C GLY A 224 -17.98 -16.73 -6.34
N CYS A 225 -18.02 -15.53 -6.93
CA CYS A 225 -18.39 -15.36 -8.35
C CYS A 225 -17.39 -16.04 -9.29
N ILE A 226 -16.10 -15.86 -9.03
CA ILE A 226 -15.04 -16.48 -9.83
C ILE A 226 -15.16 -18.02 -9.77
N PHE A 227 -15.34 -18.55 -8.55
CA PHE A 227 -15.48 -19.98 -8.30
C PHE A 227 -16.66 -20.61 -9.07
N ALA A 228 -17.81 -19.93 -9.06
CA ALA A 228 -18.96 -20.35 -9.87
C ALA A 228 -18.61 -20.39 -11.35
N GLU A 229 -17.93 -19.34 -11.81
CA GLU A 229 -17.54 -19.21 -13.20
C GLU A 229 -16.55 -20.32 -13.61
N LEU A 230 -15.61 -20.68 -12.73
CA LEU A 230 -14.70 -21.81 -13.01
C LEU A 230 -15.42 -23.16 -13.08
N LEU A 231 -16.44 -23.34 -12.25
CA LEU A 231 -17.23 -24.56 -12.25
C LEU A 231 -18.12 -24.72 -13.50
N THR A 232 -18.68 -23.62 -13.99
CA THR A 232 -19.66 -23.62 -15.10
C THR A 232 -19.17 -23.07 -16.46
N SER A 233 -18.08 -22.30 -16.44
CA SER A 233 -17.59 -21.49 -17.58
C SER A 233 -18.43 -20.25 -17.95
N GLU A 234 -19.40 -19.88 -17.10
CA GLU A 234 -20.31 -18.75 -17.38
C GLU A 234 -20.22 -17.80 -16.20
N PRO A 235 -20.20 -16.48 -16.44
CA PRO A 235 -20.27 -15.58 -15.27
C PRO A 235 -21.64 -15.73 -14.62
N ILE A 236 -21.65 -16.17 -13.36
CA ILE A 236 -22.90 -16.50 -12.66
C ILE A 236 -23.93 -15.36 -12.68
N PHE A 237 -23.44 -14.14 -12.47
CA PHE A 237 -24.31 -12.95 -12.48
C PHE A 237 -24.12 -12.08 -13.72
N HIS A 238 -23.91 -12.74 -14.87
CA HIS A 238 -23.86 -12.07 -16.16
C HIS A 238 -25.08 -11.18 -16.40
N CYS A 239 -24.85 -10.03 -17.01
CA CYS A 239 -25.81 -8.96 -17.14
C CYS A 239 -25.29 -8.05 -18.26
N ARG A 240 -26.14 -7.33 -18.96
CA ARG A 240 -25.65 -6.37 -19.98
C ARG A 240 -25.11 -5.10 -19.32
N GLN A 241 -24.24 -4.38 -20.04
CA GLN A 241 -23.64 -3.13 -19.56
C GLN A 241 -24.68 -2.00 -19.48
N THR A 246 -22.20 5.11 -14.50
CA THR A 246 -22.67 6.32 -13.81
C THR A 246 -22.13 6.42 -12.38
N SER A 247 -22.37 7.57 -11.76
CA SER A 247 -21.93 7.83 -10.38
C SER A 247 -22.65 6.95 -9.34
N ASN A 248 -23.96 6.77 -9.52
CA ASN A 248 -24.79 6.07 -8.52
C ASN A 248 -24.46 4.57 -8.41
N PRO A 249 -24.44 4.03 -7.18
CA PRO A 249 -24.12 2.62 -6.98
C PRO A 249 -25.25 1.66 -7.37
N TYR A 250 -26.50 2.15 -7.37
CA TYR A 250 -27.67 1.30 -7.63
C TYR A 250 -27.75 0.91 -9.11
N HIS A 251 -27.69 -0.39 -9.37
CA HIS A 251 -27.81 -0.93 -10.72
C HIS A 251 -28.91 -1.98 -10.72
N HIS A 252 -30.05 -1.63 -11.31
CA HIS A 252 -31.27 -2.43 -11.23
C HIS A 252 -31.13 -3.79 -11.89
N ASP A 253 -30.62 -3.78 -13.13
CA ASP A 253 -30.50 -5.01 -13.91
C ASP A 253 -29.53 -6.03 -13.29
N GLN A 254 -28.43 -5.54 -12.72
CA GLN A 254 -27.50 -6.42 -12.01
C GLN A 254 -28.14 -7.10 -10.78
N LEU A 255 -28.92 -6.32 -10.02
CA LEU A 255 -29.65 -6.84 -8.87
C LEU A 255 -30.70 -7.86 -9.30
N ASP A 256 -31.48 -7.53 -10.32
CA ASP A 256 -32.43 -8.47 -10.93
C ASP A 256 -31.77 -9.82 -11.30
N ARG A 257 -30.58 -9.77 -11.86
CA ARG A 257 -29.83 -10.98 -12.19
C ARG A 257 -29.41 -11.76 -10.94
N ILE A 258 -28.94 -11.05 -9.93
CA ILE A 258 -28.56 -11.70 -8.67
C ILE A 258 -29.75 -12.46 -8.11
N PHE A 259 -30.92 -11.83 -8.07
CA PHE A 259 -32.13 -12.45 -7.51
C PHE A 259 -32.67 -13.60 -8.37
N ASN A 260 -32.55 -13.49 -9.69
CA ASN A 260 -32.90 -14.59 -10.62
C ASN A 260 -32.08 -15.85 -10.36
N VAL A 261 -30.84 -15.67 -9.93
CA VAL A 261 -29.96 -16.79 -9.57
C VAL A 261 -30.15 -17.22 -8.11
N MET A 262 -30.11 -16.25 -7.20
CA MET A 262 -30.06 -16.55 -5.76
C MET A 262 -31.42 -16.67 -5.06
N GLY A 263 -32.47 -16.11 -5.64
CA GLY A 263 -33.73 -15.83 -4.93
C GLY A 263 -33.65 -14.47 -4.26
N PHE A 264 -34.79 -13.94 -3.85
CA PHE A 264 -34.86 -12.65 -3.16
C PHE A 264 -34.59 -12.90 -1.66
N PRO A 265 -33.72 -12.09 -1.02
CA PRO A 265 -33.40 -12.43 0.37
C PRO A 265 -34.59 -12.21 1.32
N ALA A 266 -34.83 -13.19 2.17
CA ALA A 266 -35.81 -13.06 3.25
C ALA A 266 -35.26 -12.10 4.30
N ASP A 267 -36.15 -11.52 5.10
CA ASP A 267 -35.77 -10.62 6.19
C ASP A 267 -34.70 -11.25 7.10
N LYS A 268 -34.94 -12.50 7.48
CA LYS A 268 -34.01 -13.27 8.33
C LYS A 268 -32.64 -13.53 7.71
N ASP A 269 -32.56 -13.61 6.37
CA ASP A 269 -31.28 -13.83 5.66
C ASP A 269 -30.35 -12.62 5.73
N TRP A 270 -30.93 -11.42 5.79
CA TRP A 270 -30.16 -10.19 5.80
C TRP A 270 -30.97 -9.12 6.55
N GLU A 271 -30.89 -9.16 7.88
CA GLU A 271 -31.66 -8.25 8.74
C GLU A 271 -31.33 -6.76 8.54
N ASP A 272 -30.05 -6.46 8.40
CA ASP A 272 -29.59 -5.08 8.18
C ASP A 272 -29.82 -4.51 6.77
N ILE A 273 -30.43 -5.27 5.86
CA ILE A 273 -30.73 -4.77 4.50
C ILE A 273 -31.48 -3.44 4.55
N LYS A 274 -32.40 -3.32 5.53
CA LYS A 274 -33.17 -2.09 5.78
C LYS A 274 -32.30 -0.84 5.99
N LYS A 275 -31.10 -1.03 6.52
CA LYS A 275 -30.15 0.07 6.74
C LYS A 275 -29.41 0.50 5.48
N MET A 276 -29.43 -0.31 4.42
CA MET A 276 -28.68 0.02 3.21
C MET A 276 -29.29 1.27 2.60
N PRO A 277 -28.46 2.22 2.10
CA PRO A 277 -29.02 3.48 1.58
C PRO A 277 -30.05 3.36 0.46
N GLU A 278 -29.94 2.32 -0.36
CA GLU A 278 -30.86 2.08 -1.47
C GLU A 278 -31.98 1.10 -1.16
N HIS A 279 -32.20 0.77 0.11
CA HIS A 279 -33.24 -0.22 0.47
C HIS A 279 -34.63 0.15 0.00
N SER A 280 -35.02 1.41 0.17
CA SER A 280 -36.34 1.86 -0.27
C SER A 280 -36.53 1.82 -1.79
N THR A 281 -35.46 2.11 -2.53
CA THR A 281 -35.46 1.94 -3.98
C THR A 281 -35.65 0.47 -4.35
N LEU A 282 -34.95 -0.42 -3.65
CA LEU A 282 -35.13 -1.87 -3.81
C LEU A 282 -36.59 -2.29 -3.63
N MET A 283 -37.21 -1.82 -2.55
CA MET A 283 -38.60 -2.13 -2.26
C MET A 283 -39.52 -1.58 -3.34
N LYS A 284 -39.25 -0.36 -3.80
CA LYS A 284 -40.01 0.28 -4.88
C LYS A 284 -39.95 -0.52 -6.18
N ASP A 285 -38.76 -0.98 -6.56
CA ASP A 285 -38.56 -1.61 -7.87
C ASP A 285 -38.80 -3.13 -7.89
N PHE A 286 -38.65 -3.81 -6.75
CA PHE A 286 -38.68 -5.27 -6.70
C PHE A 286 -39.76 -5.86 -5.81
N ARG A 287 -40.22 -7.05 -6.19
CA ARG A 287 -41.16 -7.84 -5.40
C ARG A 287 -40.60 -9.24 -5.19
N ARG A 288 -40.54 -9.66 -3.93
CA ARG A 288 -40.18 -11.03 -3.51
C ARG A 288 -40.82 -12.15 -4.35
N ASN A 289 -42.12 -12.00 -4.60
CA ASN A 289 -42.90 -12.92 -5.40
C ASN A 289 -42.28 -13.27 -6.76
N THR A 290 -41.63 -12.30 -7.40
CA THR A 290 -41.00 -12.49 -8.70
C THR A 290 -39.96 -13.62 -8.74
N TYR A 291 -39.29 -13.88 -7.62
CA TYR A 291 -38.17 -14.82 -7.59
C TYR A 291 -38.43 -16.10 -6.76
N THR A 292 -39.69 -16.48 -6.55
CA THR A 292 -40.02 -17.61 -5.67
C THR A 292 -39.48 -18.96 -6.13
N ASN A 293 -39.38 -19.17 -7.44
CA ASN A 293 -38.79 -20.40 -7.99
C ASN A 293 -37.25 -20.34 -8.19
N CYS A 294 -36.59 -19.31 -7.64
CA CYS A 294 -35.17 -19.06 -7.87
C CYS A 294 -34.32 -19.44 -6.65
N SER A 295 -33.22 -20.14 -6.87
CA SER A 295 -32.24 -20.46 -5.80
C SER A 295 -30.90 -20.86 -6.40
N LEU A 296 -29.82 -20.70 -5.63
CA LEU A 296 -28.50 -21.14 -6.09
C LEU A 296 -28.48 -22.63 -6.41
N ILE A 297 -29.18 -23.43 -5.59
CA ILE A 297 -29.33 -24.87 -5.80
C ILE A 297 -29.83 -25.14 -7.22
N LYS A 298 -30.95 -24.51 -7.58
CA LYS A 298 -31.56 -24.69 -8.90
C LYS A 298 -30.61 -24.24 -10.01
N TYR A 299 -30.00 -23.07 -9.85
CA TYR A 299 -29.06 -22.56 -10.84
C TYR A 299 -27.90 -23.52 -11.08
N MET A 300 -27.24 -23.94 -10.00
CA MET A 300 -26.05 -24.79 -10.12
C MET A 300 -26.35 -26.19 -10.66
N GLU A 301 -27.53 -26.74 -10.30
CA GLU A 301 -27.99 -28.03 -10.85
C GLU A 301 -28.09 -28.05 -12.36
N LYS A 302 -28.70 -27.01 -12.93
CA LYS A 302 -28.77 -26.83 -14.39
C LYS A 302 -27.39 -26.88 -15.06
N HIS A 303 -26.36 -26.37 -14.37
CA HIS A 303 -24.95 -26.46 -14.83
C HIS A 303 -24.14 -27.66 -14.28
N LYS A 304 -24.82 -28.77 -14.01
CA LYS A 304 -24.17 -30.04 -13.66
C LYS A 304 -23.21 -29.97 -12.46
N VAL A 305 -23.59 -29.18 -11.44
CA VAL A 305 -22.92 -29.14 -10.15
C VAL A 305 -23.94 -29.64 -9.12
N LYS A 306 -23.62 -30.72 -8.42
CA LYS A 306 -24.57 -31.33 -7.47
C LYS A 306 -24.69 -30.46 -6.21
N PRO A 307 -25.92 -30.24 -5.69
CA PRO A 307 -26.08 -29.47 -4.46
C PRO A 307 -25.57 -30.16 -3.18
N ASP A 308 -25.39 -31.48 -3.20
CA ASP A 308 -24.79 -32.18 -2.06
C ASP A 308 -23.25 -32.28 -2.15
N SER A 309 -22.64 -31.64 -3.14
CA SER A 309 -21.20 -31.64 -3.31
C SER A 309 -20.57 -30.65 -2.33
N LYS A 310 -19.40 -30.99 -1.82
CA LYS A 310 -18.65 -30.08 -0.96
C LYS A 310 -18.32 -28.77 -1.66
N ALA A 311 -18.03 -28.86 -2.96
CA ALA A 311 -17.86 -27.67 -3.81
C ALA A 311 -19.03 -26.69 -3.70
N PHE A 312 -20.25 -27.21 -3.78
CA PHE A 312 -21.45 -26.38 -3.73
C PHE A 312 -21.66 -25.71 -2.38
N HIS A 313 -21.49 -26.46 -1.31
CA HIS A 313 -21.71 -25.94 0.03
C HIS A 313 -20.75 -24.79 0.36
N LEU A 314 -19.49 -24.93 -0.05
CA LEU A 314 -18.51 -23.85 0.05
C LEU A 314 -18.90 -22.66 -0.83
N LEU A 315 -19.28 -22.93 -2.08
CA LEU A 315 -19.73 -21.86 -3.00
C LEU A 315 -20.85 -21.03 -2.38
N GLN A 316 -21.80 -21.72 -1.75
CA GLN A 316 -22.96 -21.08 -1.12
C GLN A 316 -22.57 -20.22 0.09
N LYS A 317 -21.55 -20.64 0.81
CA LYS A 317 -21.02 -19.85 1.93
C LYS A 317 -20.29 -18.58 1.47
N LEU A 318 -19.60 -18.66 0.32
CA LEU A 318 -18.97 -17.48 -0.32
C LEU A 318 -19.99 -16.50 -0.90
N LEU A 319 -21.03 -17.03 -1.56
CA LEU A 319 -22.12 -16.23 -2.11
C LEU A 319 -23.30 -16.09 -1.15
N THR A 320 -22.99 -15.74 0.09
CA THR A 320 -23.99 -15.36 1.07
C THR A 320 -24.29 -13.89 0.84
N MET A 321 -25.56 -13.54 0.84
CA MET A 321 -26.01 -12.18 0.50
C MET A 321 -25.67 -11.19 1.61
N ASP A 322 -26.00 -11.52 2.85
CA ASP A 322 -25.68 -10.62 3.97
C ASP A 322 -24.17 -10.65 4.18
N PRO A 323 -23.45 -9.53 3.96
CA PRO A 323 -21.98 -9.60 4.14
C PRO A 323 -21.49 -10.09 5.52
N ILE A 324 -22.20 -9.78 6.61
CA ILE A 324 -21.76 -10.26 7.94
C ILE A 324 -21.91 -11.79 8.09
N LYS A 325 -22.76 -12.41 7.28
CA LYS A 325 -22.90 -13.88 7.22
C LYS A 325 -22.02 -14.58 6.19
N ARG A 326 -21.18 -13.83 5.49
CA ARG A 326 -20.28 -14.40 4.49
C ARG A 326 -19.05 -14.97 5.19
N ILE A 327 -18.66 -16.18 4.78
CA ILE A 327 -17.43 -16.84 5.26
C ILE A 327 -16.20 -15.95 5.00
N THR A 328 -15.21 -15.97 5.88
CA THR A 328 -13.94 -15.27 5.62
C THR A 328 -13.01 -16.14 4.77
N SER A 329 -11.95 -15.52 4.23
CA SER A 329 -10.96 -16.25 3.44
C SER A 329 -10.30 -17.38 4.23
N GLU A 330 -9.92 -17.10 5.48
CA GLU A 330 -9.28 -18.13 6.32
C GLU A 330 -10.20 -19.34 6.56
N GLN A 331 -11.48 -19.10 6.81
CA GLN A 331 -12.43 -20.19 7.06
C GLN A 331 -12.69 -21.01 5.78
N ALA A 332 -12.76 -20.33 4.65
CA ALA A 332 -12.88 -20.97 3.34
C ALA A 332 -11.72 -21.92 3.06
N MET A 333 -10.49 -21.50 3.38
CA MET A 333 -9.30 -22.37 3.27
C MET A 333 -9.39 -23.63 4.12
N GLN A 334 -10.06 -23.54 5.28
CA GLN A 334 -10.29 -24.71 6.15
C GLN A 334 -11.45 -25.61 5.70
N ASP A 335 -12.15 -25.27 4.62
CA ASP A 335 -13.31 -26.03 4.21
C ASP A 335 -12.97 -27.49 3.89
N PRO A 336 -13.81 -28.46 4.32
CA PRO A 336 -13.54 -29.87 3.99
C PRO A 336 -13.40 -30.17 2.48
N TYR A 337 -13.93 -29.30 1.63
CA TYR A 337 -13.70 -29.36 0.17
C TYR A 337 -12.22 -29.54 -0.20
N PHE A 338 -11.34 -28.84 0.50
CA PHE A 338 -9.90 -28.90 0.22
C PHE A 338 -9.22 -30.16 0.75
N LEU A 339 -9.88 -30.89 1.65
CA LEU A 339 -9.44 -32.20 2.15
C LEU A 339 -10.01 -33.39 1.37
N GLU A 340 -11.09 -33.17 0.63
CA GLU A 340 -11.67 -34.20 -0.24
C GLU A 340 -10.80 -34.44 -1.48
N ASP A 341 -10.69 -35.70 -1.89
CA ASP A 341 -9.99 -36.07 -3.13
C ASP A 341 -10.63 -35.37 -4.34
N PRO A 342 -9.83 -34.75 -5.23
CA PRO A 342 -8.38 -34.63 -5.27
C PRO A 342 -7.88 -33.44 -4.47
N LEU A 343 -6.74 -33.58 -3.81
CA LEU A 343 -6.11 -32.47 -3.08
C LEU A 343 -5.67 -31.36 -4.03
N PRO A 344 -5.77 -30.08 -3.58
CA PRO A 344 -5.24 -29.00 -4.38
C PRO A 344 -3.73 -29.13 -4.58
N THR A 345 -3.24 -28.72 -5.74
CA THR A 345 -1.83 -28.84 -6.10
C THR A 345 -1.20 -27.46 -6.28
N SER A 346 0.11 -27.40 -6.12
CA SER A 346 0.86 -26.13 -6.19
C SER A 346 0.91 -25.61 -7.63
N ASP A 347 1.11 -26.51 -8.59
CA ASP A 347 0.88 -26.25 -10.01
C ASP A 347 -0.59 -26.59 -10.30
N VAL A 348 -1.41 -25.59 -10.60
CA VAL A 348 -2.85 -25.85 -10.90
C VAL A 348 -3.09 -26.77 -12.09
N PHE A 349 -2.11 -26.83 -13.02
CA PHE A 349 -2.14 -27.76 -14.17
C PHE A 349 -1.70 -29.19 -13.83
N ALA A 350 -1.18 -29.39 -12.62
CA ALA A 350 -0.82 -30.72 -12.08
C ALA A 350 0.17 -31.49 -12.96
N GLY A 351 1.16 -30.78 -13.50
CA GLY A 351 2.14 -31.38 -14.40
C GLY A 351 1.67 -31.68 -15.82
N CYS A 352 0.39 -31.47 -16.13
CA CYS A 352 -0.14 -31.73 -17.48
C CYS A 352 0.25 -30.62 -18.43
N GLN A 353 0.18 -30.94 -19.73
CA GLN A 353 0.43 -29.96 -20.79
C GLN A 353 -0.55 -28.80 -20.67
N ILE A 354 -0.06 -27.59 -21.00
CA ILE A 354 -0.86 -26.38 -20.94
C ILE A 354 -1.43 -26.15 -22.34
N PRO A 355 -2.77 -26.26 -22.51
CA PRO A 355 -3.39 -26.04 -23.83
C PRO A 355 -3.74 -24.57 -24.15
N TYR A 356 -3.59 -23.68 -23.17
CA TYR A 356 -4.07 -22.30 -23.30
C TYR A 356 -3.05 -21.54 -24.13
N PRO A 357 -3.51 -20.74 -25.13
CA PRO A 357 -2.53 -20.03 -25.95
C PRO A 357 -1.86 -18.87 -25.21
N LYS A 358 -0.63 -18.56 -25.61
CA LYS A 358 0.13 -17.45 -25.06
C LYS A 358 -0.50 -16.12 -25.50
N ARG A 359 -0.14 -15.04 -24.81
CA ARG A 359 -0.66 -13.71 -25.16
C ARG A 359 0.03 -13.18 -26.42
N GLU A 360 -0.77 -12.66 -27.35
CA GLU A 360 -0.25 -12.12 -28.61
C GLU A 360 0.18 -10.65 -28.41
N PHE A 361 1.28 -10.28 -29.05
CA PHE A 361 1.75 -8.90 -29.04
C PHE A 361 0.80 -8.05 -29.89
N LEU A 362 0.43 -6.87 -29.38
CA LEU A 362 -0.49 -5.96 -30.06
C LEU A 362 0.31 -4.98 -30.93
N THR A 363 -0.14 -4.80 -32.17
CA THR A 363 0.47 -3.85 -33.12
C THR A 363 -0.48 -2.71 -33.51
N GLU A 364 -1.57 -2.51 -32.76
CA GLU A 364 -2.59 -1.50 -33.09
C GLU A 364 -2.17 -0.09 -32.65
N GLU A 365 -2.52 0.91 -33.46
CA GLU A 365 -2.21 2.32 -33.20
C GLU A 365 -3.29 2.95 -32.32
N ASP B 2 -5.06 4.43 8.99
CA ASP B 2 -4.71 3.40 7.95
C ASP B 2 -3.86 2.27 8.56
N LYS B 3 -4.46 1.09 8.69
CA LYS B 3 -3.81 -0.09 9.28
C LYS B 3 -3.14 -1.04 8.26
N ALA B 4 -3.09 -0.64 6.98
CA ALA B 4 -2.38 -1.39 5.95
C ALA B 4 -0.96 -1.81 6.37
N MET B 5 -0.69 -3.11 6.38
CA MET B 5 0.61 -3.71 6.75
C MET B 5 0.95 -3.66 8.26
N ALA B 6 -0.06 -3.47 9.11
CA ALA B 6 0.12 -3.16 10.54
C ALA B 6 1.00 -4.13 11.34
N GLY B 7 0.80 -5.42 11.16
CA GLY B 7 1.57 -6.44 11.88
C GLY B 7 2.73 -7.05 11.09
N ASN B 8 3.25 -6.32 10.10
CA ASN B 8 4.28 -6.88 9.21
C ASN B 8 5.66 -6.24 9.43
N PHE B 9 5.85 -5.54 10.55
CA PHE B 9 7.13 -4.83 10.79
C PHE B 9 8.36 -5.70 10.59
N TRP B 10 8.34 -6.93 11.12
CA TRP B 10 9.51 -7.81 11.07
C TRP B 10 9.92 -8.28 9.65
N GLN B 11 9.00 -8.25 8.69
N GLN B 11 8.99 -8.25 8.71
CA GLN B 11 9.30 -8.51 7.29
CA GLN B 11 9.26 -8.52 7.29
C GLN B 11 9.15 -7.27 6.41
C GLN B 11 9.14 -7.27 6.42
N SER B 12 9.21 -6.09 7.03
CA SER B 12 8.99 -4.82 6.34
C SER B 12 10.27 -4.26 5.78
N SER B 13 10.15 -3.36 4.81
CA SER B 13 11.29 -2.65 4.26
C SER B 13 11.91 -1.69 5.31
N HIS B 14 11.08 -1.13 6.18
CA HIS B 14 11.55 -0.28 7.29
C HIS B 14 12.60 -1.05 8.07
N TYR B 15 12.22 -2.22 8.56
CA TYR B 15 13.08 -3.03 9.40
C TYR B 15 14.30 -3.59 8.63
N LEU B 16 14.05 -4.22 7.50
CA LEU B 16 15.12 -4.88 6.73
C LEU B 16 16.09 -3.94 6.02
N GLN B 17 15.67 -2.72 5.73
CA GLN B 17 16.48 -1.77 4.98
C GLN B 17 16.76 -0.43 5.69
N TRP B 18 15.85 0.05 6.52
CA TRP B 18 15.94 1.41 7.08
C TRP B 18 16.04 1.50 8.61
N ILE B 19 16.50 0.42 9.24
CA ILE B 19 17.04 0.47 10.60
C ILE B 19 18.56 0.41 10.42
N LEU B 20 19.22 1.56 10.59
CA LEU B 20 20.63 1.70 10.23
C LEU B 20 21.56 1.43 11.41
N ASP B 21 22.81 1.13 11.09
CA ASP B 21 23.87 1.05 12.08
C ASP B 21 24.32 2.47 12.45
N LYS B 22 24.48 2.71 13.74
CA LYS B 22 24.85 4.04 14.26
C LYS B 22 26.21 4.53 13.73
N GLN B 23 27.17 3.62 13.58
CA GLN B 23 28.49 3.98 13.08
C GLN B 23 28.50 4.28 11.58
N ASP B 24 27.65 3.59 10.81
CA ASP B 24 27.44 3.94 9.39
C ASP B 24 26.83 5.32 9.23
N LEU B 25 25.91 5.67 10.13
CA LEU B 25 25.31 7.00 10.17
C LEU B 25 26.34 8.10 10.46
N LEU B 26 27.13 7.91 11.51
CA LEU B 26 28.19 8.87 11.87
C LEU B 26 29.26 9.02 10.78
N LYS B 27 29.65 7.91 10.15
CA LYS B 27 30.65 7.93 9.06
C LYS B 27 30.22 8.84 7.90
N GLU B 28 28.99 8.65 7.41
CA GLU B 28 28.43 9.49 6.34
C GLU B 28 28.22 10.94 6.77
N ARG B 29 27.95 11.17 8.05
CA ARG B 29 27.78 12.53 8.59
C ARG B 29 29.07 13.36 8.59
N GLN B 30 30.23 12.68 8.64
CA GLN B 30 31.55 13.37 8.68
C GLN B 30 31.78 14.40 7.57
N LYS B 31 31.18 14.18 6.39
CA LYS B 31 31.32 15.14 5.28
C LYS B 31 30.65 16.50 5.59
N ASP B 32 29.48 16.47 6.23
CA ASP B 32 28.84 17.71 6.71
C ASP B 32 29.46 18.27 7.99
N LEU B 33 30.15 17.43 8.77
CA LEU B 33 30.87 17.89 9.97
C LEU B 33 32.15 18.68 9.70
N LYS B 34 32.60 18.74 8.44
CA LYS B 34 33.66 19.67 8.02
C LYS B 34 33.21 21.14 8.05
N PHE B 35 31.91 21.36 7.96
CA PHE B 35 31.32 22.71 7.93
C PHE B 35 30.63 23.10 9.24
N LEU B 36 29.88 22.15 9.81
CA LEU B 36 29.12 22.33 11.04
C LEU B 36 29.70 21.45 12.13
N SER B 37 29.67 21.91 13.37
CA SER B 37 30.02 21.05 14.52
C SER B 37 28.91 20.03 14.74
N GLU B 38 29.17 19.04 15.60
CA GLU B 38 28.18 18.01 15.93
C GLU B 38 26.95 18.60 16.59
N GLU B 39 27.19 19.57 17.48
CA GLU B 39 26.12 20.35 18.12
C GLU B 39 25.25 21.06 17.10
N GLU B 40 25.89 21.80 16.19
CA GLU B 40 25.20 22.51 15.12
C GLU B 40 24.40 21.59 14.19
N TYR B 41 24.93 20.39 13.92
CA TYR B 41 24.22 19.41 13.11
C TYR B 41 22.93 18.94 13.80
N TRP B 42 23.00 18.60 15.08
CA TRP B 42 21.77 18.18 15.79
C TRP B 42 20.77 19.33 15.99
N LYS B 43 21.26 20.56 16.05
CA LYS B 43 20.39 21.74 16.09
C LYS B 43 19.62 21.94 14.77
N LEU B 44 20.31 21.77 13.65
CA LEU B 44 19.66 21.78 12.32
C LEU B 44 18.57 20.73 12.21
N GLN B 45 18.84 19.53 12.71
CA GLN B 45 17.84 18.43 12.72
C GLN B 45 16.58 18.83 13.49
N ILE B 46 16.77 19.42 14.67
CA ILE B 46 15.65 19.92 15.47
C ILE B 46 14.88 20.97 14.67
N PHE B 47 15.60 21.91 14.04
CA PHE B 47 14.96 22.97 13.27
C PHE B 47 14.03 22.43 12.18
N PHE B 48 14.54 21.51 11.36
CA PHE B 48 13.76 20.96 10.24
C PHE B 48 12.66 19.98 10.66
N THR B 49 12.83 19.31 11.79
CA THR B 49 11.72 18.59 12.43
C THR B 49 10.57 19.56 12.73
N ASN B 50 10.89 20.69 13.35
CA ASN B 50 9.88 21.72 13.64
C ASN B 50 9.26 22.33 12.37
N VAL B 51 10.06 22.52 11.33
CA VAL B 51 9.55 23.04 10.06
C VAL B 51 8.51 22.06 9.49
N ILE B 52 8.85 20.78 9.46
CA ILE B 52 7.95 19.74 8.96
C ILE B 52 6.67 19.64 9.80
N GLN B 53 6.79 19.70 11.13
CA GLN B 53 5.64 19.73 12.03
C GLN B 53 4.69 20.89 11.69
N ALA B 54 5.26 22.09 11.52
CA ALA B 54 4.47 23.27 11.22
C ALA B 54 3.75 23.18 9.86
N LEU B 55 4.46 22.70 8.84
CA LEU B 55 3.85 22.47 7.53
C LEU B 55 2.68 21.50 7.62
N GLY B 56 2.88 20.40 8.35
CA GLY B 56 1.85 19.40 8.57
C GLY B 56 0.63 19.91 9.31
N GLU B 57 0.86 20.75 10.32
CA GLU B 57 -0.24 21.36 11.09
C GLU B 57 -1.02 22.34 10.22
N HIS B 58 -0.30 23.14 9.45
CA HIS B 58 -0.94 24.07 8.51
C HIS B 58 -1.87 23.34 7.52
N LEU B 59 -1.41 22.21 6.98
CA LEU B 59 -2.19 21.38 6.06
C LEU B 59 -3.19 20.44 6.73
N LYS B 60 -3.29 20.49 8.06
CA LYS B 60 -4.22 19.67 8.84
C LYS B 60 -4.03 18.17 8.61
N LEU B 61 -2.78 17.74 8.44
CA LEU B 61 -2.44 16.34 8.33
C LEU B 61 -2.35 15.73 9.72
N ARG B 62 -2.64 14.43 9.82
CA ARG B 62 -2.59 13.74 11.11
C ARG B 62 -1.14 13.42 11.50
N GLN B 63 -0.90 13.25 12.80
CA GLN B 63 0.46 13.17 13.33
C GLN B 63 1.33 12.12 12.64
N GLN B 64 0.72 10.99 12.32
CA GLN B 64 1.38 9.88 11.67
C GLN B 64 1.90 10.24 10.27
N VAL B 65 1.17 11.07 9.54
CA VAL B 65 1.60 11.54 8.21
C VAL B 65 2.80 12.47 8.35
N ILE B 66 2.75 13.35 9.36
CA ILE B 66 3.83 14.26 9.65
C ILE B 66 5.10 13.47 10.05
N ALA B 67 4.92 12.40 10.82
CA ALA B 67 6.03 11.56 11.25
C ALA B 67 6.68 10.83 10.07
N THR B 68 5.86 10.26 9.19
CA THR B 68 6.34 9.63 7.98
C THR B 68 7.18 10.62 7.16
N ALA B 69 6.66 11.81 6.94
CA ALA B 69 7.40 12.89 6.25
C ALA B 69 8.74 13.20 6.91
N THR B 70 8.74 13.27 8.23
CA THR B 70 9.98 13.49 8.99
C THR B 70 10.99 12.37 8.78
N VAL B 71 10.52 11.13 8.73
CA VAL B 71 11.40 9.96 8.50
C VAL B 71 12.02 10.01 7.09
N TYR B 72 11.21 10.37 6.08
CA TYR B 72 11.71 10.55 4.72
C TYR B 72 12.88 11.55 4.67
N PHE B 73 12.66 12.71 5.27
CA PHE B 73 13.69 13.75 5.43
C PHE B 73 14.97 13.19 6.05
N LYS B 74 14.83 12.46 7.16
CA LYS B 74 15.99 11.90 7.87
C LYS B 74 16.73 10.85 7.06
N ARG B 75 15.99 10.00 6.35
CA ARG B 75 16.61 8.98 5.50
C ARG B 75 17.43 9.60 4.39
N PHE B 76 16.93 10.69 3.81
CA PHE B 76 17.64 11.37 2.74
C PHE B 76 18.99 11.91 3.22
N TYR B 77 18.95 12.71 4.28
CA TYR B 77 20.17 13.30 4.81
C TYR B 77 21.04 12.35 5.65
N ALA B 78 20.53 11.16 5.96
CA ALA B 78 21.36 10.08 6.53
C ALA B 78 22.37 9.59 5.51
N ARG B 79 21.99 9.60 4.23
CA ARG B 79 22.87 9.21 3.13
C ARG B 79 23.63 10.40 2.55
N TYR B 80 22.91 11.50 2.31
CA TYR B 80 23.45 12.62 1.54
C TYR B 80 23.72 13.88 2.34
N SER B 81 24.67 14.66 1.84
CA SER B 81 25.02 15.97 2.39
C SER B 81 23.85 16.93 2.27
N LEU B 82 23.79 17.85 3.23
CA LEU B 82 22.84 18.97 3.23
C LEU B 82 22.97 19.88 2.00
N LYS B 83 24.13 19.86 1.33
CA LYS B 83 24.33 20.64 0.10
C LYS B 83 23.65 20.04 -1.14
N SER B 84 23.27 18.77 -1.08
CA SER B 84 22.86 18.01 -2.26
C SER B 84 21.53 18.55 -2.81
N ILE B 85 20.53 18.61 -1.94
CA ILE B 85 19.29 19.30 -2.20
C ILE B 85 19.00 20.21 -1.01
N ASP B 86 18.56 21.43 -1.28
CA ASP B 86 18.23 22.41 -0.24
C ASP B 86 17.21 21.80 0.73
N PRO B 87 17.55 21.75 2.04
CA PRO B 87 16.56 21.21 2.98
C PRO B 87 15.21 21.97 3.03
N VAL B 88 15.22 23.25 2.68
CA VAL B 88 14.01 24.09 2.55
C VAL B 88 13.05 23.54 1.47
N LEU B 89 13.61 22.93 0.42
CA LEU B 89 12.83 22.29 -0.63
C LEU B 89 12.43 20.90 -0.23
N MET B 90 13.35 20.16 0.39
CA MET B 90 13.12 18.76 0.77
C MET B 90 11.96 18.60 1.78
N ALA B 91 11.88 19.50 2.75
CA ALA B 91 10.90 19.41 3.82
C ALA B 91 9.44 19.38 3.30
N PRO B 92 9.00 20.38 2.53
CA PRO B 92 7.65 20.30 1.96
C PRO B 92 7.46 19.16 0.95
N THR B 93 8.50 18.84 0.19
CA THR B 93 8.47 17.65 -0.67
C THR B 93 8.20 16.37 0.13
N CYS B 94 8.83 16.22 1.29
CA CYS B 94 8.60 15.06 2.16
C CYS B 94 7.16 15.00 2.66
N VAL B 95 6.63 16.14 3.09
CA VAL B 95 5.22 16.24 3.52
C VAL B 95 4.27 15.85 2.38
N PHE B 96 4.55 16.38 1.19
CA PHE B 96 3.72 16.14 0.00
C PHE B 96 3.68 14.66 -0.35
N LEU B 97 4.85 14.03 -0.40
CA LEU B 97 4.94 12.60 -0.71
C LEU B 97 4.23 11.74 0.35
N ALA B 98 4.47 12.05 1.63
CA ALA B 98 3.85 11.33 2.73
C ALA B 98 2.34 11.43 2.68
N SER B 99 1.82 12.60 2.34
CA SER B 99 0.35 12.78 2.24
C SER B 99 -0.28 11.93 1.13
N LYS B 100 0.47 11.65 0.07
CA LYS B 100 0.00 10.82 -1.05
C LYS B 100 0.00 9.31 -0.79
N VAL B 101 0.72 8.87 0.23
CA VAL B 101 0.61 7.48 0.71
C VAL B 101 -0.78 7.22 1.33
N GLU B 102 -1.42 8.29 1.85
CA GLU B 102 -2.80 8.21 2.39
C GLU B 102 -3.82 8.32 1.26
N GLU B 103 -4.97 7.67 1.42
CA GLU B 103 -6.08 7.83 0.46
C GLU B 103 -7.26 8.64 1.00
N PHE B 104 -7.15 9.13 2.24
CA PHE B 104 -8.20 9.97 2.84
C PHE B 104 -7.86 11.44 2.60
N GLY B 105 -8.31 11.95 1.45
CA GLY B 105 -8.03 13.33 1.03
C GLY B 105 -6.68 13.51 0.35
N VAL B 106 -6.57 14.56 -0.46
CA VAL B 106 -5.35 14.89 -1.22
C VAL B 106 -4.90 16.33 -0.95
N VAL B 107 -3.59 16.54 -0.95
CA VAL B 107 -2.97 17.87 -0.84
C VAL B 107 -2.74 18.43 -2.25
N SER B 108 -3.45 19.49 -2.62
CA SER B 108 -3.29 20.11 -3.94
C SER B 108 -1.98 20.87 -4.08
N ASN B 109 -1.67 21.24 -5.32
CA ASN B 109 -0.41 21.92 -5.62
C ASN B 109 -0.37 23.33 -5.05
N THR B 110 -1.40 24.11 -5.35
CA THR B 110 -1.56 25.48 -4.81
C THR B 110 -1.53 25.50 -3.28
N ARG B 111 -2.18 24.51 -2.67
CA ARG B 111 -2.26 24.39 -1.22
C ARG B 111 -0.93 24.04 -0.58
N LEU B 112 -0.15 23.16 -1.22
CA LEU B 112 1.20 22.85 -0.75
C LEU B 112 2.13 24.06 -0.78
N ILE B 113 2.14 24.79 -1.89
CA ILE B 113 3.04 25.94 -2.05
C ILE B 113 2.61 27.08 -1.12
N ALA B 114 1.32 27.36 -1.10
CA ALA B 114 0.75 28.36 -0.17
C ALA B 114 1.12 28.04 1.27
N ALA B 115 1.07 26.77 1.64
CA ALA B 115 1.39 26.32 3.00
C ALA B 115 2.89 26.50 3.33
N ALA B 116 3.76 26.19 2.36
CA ALA B 116 5.19 26.41 2.52
C ALA B 116 5.52 27.90 2.65
N THR B 117 4.91 28.71 1.80
CA THR B 117 5.08 30.15 1.82
C THR B 117 4.64 30.76 3.16
N SER B 118 3.41 30.42 3.57
CA SER B 118 2.81 30.96 4.78
C SER B 118 3.53 30.52 6.06
N VAL B 119 3.81 29.23 6.20
CA VAL B 119 4.48 28.73 7.40
C VAL B 119 5.88 29.30 7.60
N LEU B 120 6.67 29.42 6.53
CA LEU B 120 8.02 29.97 6.66
C LEU B 120 8.02 31.45 7.02
N LYS B 121 7.08 32.22 6.47
CA LYS B 121 7.05 33.66 6.74
C LYS B 121 6.44 34.01 8.10
N THR B 122 5.43 33.26 8.54
CA THR B 122 4.74 33.57 9.82
C THR B 122 5.37 32.89 11.04
N ARG B 123 5.88 31.68 10.87
CA ARG B 123 6.46 30.91 11.98
C ARG B 123 7.99 30.78 11.99
N PHE B 124 8.66 31.12 10.88
CA PHE B 124 10.11 30.92 10.75
C PHE B 124 10.88 32.11 10.14
N SER B 125 10.34 33.32 10.26
CA SER B 125 11.03 34.51 9.72
C SER B 125 12.38 34.81 10.40
N TYR B 126 12.58 34.33 11.63
CA TYR B 126 13.88 34.40 12.31
C TYR B 126 15.00 33.69 11.54
N ALA B 127 14.63 32.60 10.86
CA ALA B 127 15.57 31.84 10.03
C ALA B 127 15.54 32.24 8.55
N PHE B 128 14.39 32.70 8.04
CA PHE B 128 14.20 33.00 6.61
C PHE B 128 13.68 34.42 6.36
N PRO B 129 14.57 35.39 6.09
CA PRO B 129 14.10 36.72 5.70
C PRO B 129 13.41 36.76 4.32
N LYS B 130 13.86 35.92 3.38
CA LYS B 130 13.29 35.87 2.04
C LYS B 130 12.11 34.89 1.95
N GLU B 131 11.21 35.18 1.01
CA GLU B 131 10.05 34.34 0.74
C GLU B 131 10.46 32.95 0.22
N PHE B 132 9.61 31.95 0.46
CA PHE B 132 9.82 30.61 -0.08
C PHE B 132 9.99 30.67 -1.60
N PRO B 133 11.22 30.44 -2.09
CA PRO B 133 11.48 30.73 -3.50
C PRO B 133 11.06 29.62 -4.48
N TYR B 134 10.68 28.45 -3.98
CA TYR B 134 10.41 27.31 -4.85
C TYR B 134 8.96 27.25 -5.33
N ARG B 135 8.82 26.87 -6.59
CA ARG B 135 7.54 26.61 -7.23
C ARG B 135 7.32 25.11 -7.33
N MET B 136 6.16 24.72 -7.84
CA MET B 136 5.73 23.33 -7.84
C MET B 136 6.59 22.39 -8.70
N ASN B 137 7.14 22.88 -9.81
CA ASN B 137 8.08 22.07 -10.61
C ASN B 137 9.30 21.61 -9.82
N HIS B 138 9.78 22.45 -8.90
CA HIS B 138 10.91 22.09 -8.05
C HIS B 138 10.55 20.97 -7.07
N ILE B 139 9.34 21.02 -6.51
CA ILE B 139 8.83 19.98 -5.60
C ILE B 139 8.76 18.63 -6.34
N LEU B 140 8.22 18.66 -7.54
CA LEU B 140 8.05 17.44 -8.36
C LEU B 140 9.38 16.82 -8.77
N GLU B 141 10.36 17.65 -9.08
CA GLU B 141 11.72 17.20 -9.35
C GLU B 141 12.33 16.54 -8.11
N CYS B 142 12.29 17.27 -7.00
CA CYS B 142 12.81 16.79 -5.71
C CYS B 142 12.17 15.46 -5.27
N GLU B 143 10.86 15.35 -5.46
CA GLU B 143 10.11 14.12 -5.19
C GLU B 143 10.72 12.89 -5.90
N PHE B 144 11.10 13.03 -7.16
CA PHE B 144 11.76 11.92 -7.88
C PHE B 144 13.09 11.49 -7.24
N TYR B 145 13.90 12.47 -6.82
CA TYR B 145 15.15 12.18 -6.11
C TYR B 145 14.93 11.49 -4.75
N LEU B 146 13.90 11.93 -4.03
CA LEU B 146 13.58 11.38 -2.70
C LEU B 146 13.13 9.94 -2.82
N LEU B 147 12.21 9.69 -3.74
CA LEU B 147 11.70 8.34 -3.96
C LEU B 147 12.83 7.36 -4.38
N GLU B 148 13.75 7.86 -5.22
CA GLU B 148 14.90 7.07 -5.67
C GLU B 148 15.83 6.71 -4.53
N LEU B 149 16.22 7.71 -3.73
CA LEU B 149 17.09 7.48 -2.57
C LEU B 149 16.47 6.49 -1.60
N MET B 150 15.18 6.61 -1.36
CA MET B 150 14.50 5.73 -0.43
C MET B 150 14.23 4.33 -0.99
N ASP B 151 14.65 4.07 -2.23
CA ASP B 151 14.42 2.78 -2.90
C ASP B 151 12.93 2.44 -2.88
N CYS B 152 12.10 3.46 -3.09
CA CYS B 152 10.64 3.38 -3.06
C CYS B 152 10.01 2.81 -1.78
N CYS B 153 10.72 2.88 -0.67
CA CYS B 153 10.25 2.39 0.63
C CYS B 153 9.40 3.49 1.25
N LEU B 154 8.09 3.37 1.12
CA LEU B 154 7.16 4.44 1.52
C LEU B 154 6.40 4.16 2.82
N ILE B 155 6.18 2.89 3.14
CA ILE B 155 5.43 2.53 4.36
C ILE B 155 6.40 2.66 5.55
N VAL B 156 6.09 3.54 6.49
CA VAL B 156 6.89 3.77 7.69
C VAL B 156 6.04 3.48 8.92
N TYR B 157 6.61 2.71 9.85
CA TYR B 157 6.02 2.35 11.13
C TYR B 157 6.51 3.35 12.18
N HIS B 158 5.66 3.65 13.16
CA HIS B 158 5.93 4.69 14.16
C HIS B 158 5.53 4.18 15.55
N PRO B 159 6.00 4.84 16.64
CA PRO B 159 5.70 4.37 18.00
C PRO B 159 4.27 4.62 18.50
N TYR B 160 3.48 5.41 17.78
CA TYR B 160 2.15 5.82 18.24
C TYR B 160 1.19 4.64 18.41
N ARG B 161 1.19 3.72 17.45
CA ARG B 161 0.31 2.54 17.50
C ARG B 161 0.65 1.60 18.67
N PRO B 162 1.90 1.13 18.78
CA PRO B 162 2.22 0.33 19.98
C PRO B 162 2.07 1.08 21.32
N LEU B 163 2.41 2.37 21.37
CA LEU B 163 2.20 3.17 22.60
C LEU B 163 0.76 3.08 23.08
N LEU B 164 -0.16 3.31 22.14
CA LEU B 164 -1.59 3.23 22.39
C LEU B 164 -2.00 1.87 22.94
N GLN B 165 -1.42 0.80 22.41
CA GLN B 165 -1.67 -0.56 22.92
C GLN B 165 -1.12 -0.74 24.33
N TYR B 166 0.10 -0.28 24.58
CA TYR B 166 0.73 -0.41 25.89
C TYR B 166 -0.03 0.32 26.99
N VAL B 167 -0.47 1.55 26.75
CA VAL B 167 -1.20 2.32 27.76
C VAL B 167 -2.61 1.76 28.03
N GLN B 168 -3.26 1.27 26.97
CA GLN B 168 -4.54 0.58 27.12
C GLN B 168 -4.36 -0.73 27.91
N ASP B 169 -3.24 -1.42 27.70
CA ASP B 169 -2.89 -2.60 28.52
C ASP B 169 -2.62 -2.24 30.00
N MET B 170 -1.98 -1.10 30.26
CA MET B 170 -1.78 -0.61 31.64
C MET B 170 -3.09 -0.25 32.35
N GLY B 171 -4.10 0.16 31.57
CA GLY B 171 -5.33 0.74 32.09
C GLY B 171 -5.09 2.16 32.56
N GLN B 172 -4.19 2.88 31.90
CA GLN B 172 -3.77 4.21 32.31
C GLN B 172 -3.72 5.19 31.13
N GLU B 173 -4.71 5.05 30.23
CA GLU B 173 -4.81 5.89 29.02
C GLU B 173 -5.00 7.38 29.35
N ASP B 174 -5.93 7.67 30.27
CA ASP B 174 -6.24 9.05 30.64
C ASP B 174 -5.06 9.77 31.30
N MET B 175 -4.38 9.08 32.22
CA MET B 175 -3.26 9.68 32.95
C MET B 175 -2.00 9.84 32.12
N LEU B 176 -1.62 8.81 31.34
CA LEU B 176 -0.28 8.72 30.74
C LEU B 176 -0.17 8.99 29.23
N LEU B 177 -1.26 8.82 28.48
CA LEU B 177 -1.19 8.89 27.00
C LEU B 177 -0.82 10.26 26.46
N PRO B 178 -1.45 11.34 26.96
CA PRO B 178 -1.11 12.67 26.43
C PRO B 178 0.38 13.01 26.59
N LEU B 179 0.95 12.71 27.75
CA LEU B 179 2.39 12.96 27.97
C LEU B 179 3.25 12.01 27.14
N ALA B 180 2.97 10.72 27.23
CA ALA B 180 3.73 9.71 26.44
C ALA B 180 3.73 10.00 24.93
N TRP B 181 2.58 10.39 24.40
CA TRP B 181 2.41 10.77 22.98
C TRP B 181 3.27 11.97 22.59
N ARG B 182 3.17 13.02 23.40
CA ARG B 182 4.00 14.21 23.25
C ARG B 182 5.50 13.87 23.26
N ILE B 183 5.93 12.99 24.16
CA ILE B 183 7.33 12.55 24.22
C ILE B 183 7.72 11.78 22.95
N VAL B 184 6.83 10.92 22.45
CA VAL B 184 7.05 10.28 21.14
C VAL B 184 7.29 11.33 20.04
N ASN B 185 6.48 12.38 20.00
CA ASN B 185 6.71 13.47 19.04
C ASN B 185 8.14 14.02 19.18
N ASP B 186 8.56 14.27 20.42
CA ASP B 186 9.89 14.81 20.67
C ASP B 186 11.04 13.92 20.22
N THR B 187 10.84 12.60 20.18
CA THR B 187 11.92 11.69 19.75
C THR B 187 12.35 11.91 18.29
N TYR B 188 11.45 12.48 17.48
CA TYR B 188 11.78 12.85 16.10
C TYR B 188 12.77 14.03 16.01
N ARG B 189 13.03 14.72 17.12
CA ARG B 189 14.15 15.66 17.17
C ARG B 189 15.51 14.96 17.15
N THR B 190 15.55 13.63 17.26
CA THR B 190 16.80 12.84 17.31
C THR B 190 16.86 11.82 16.19
N ASP B 191 17.92 11.00 16.21
CA ASP B 191 18.14 9.87 15.30
C ASP B 191 17.41 8.57 15.66
N LEU B 192 16.67 8.56 16.78
CA LEU B 192 16.14 7.32 17.33
C LEU B 192 15.35 6.47 16.33
N CYS B 193 14.54 7.13 15.49
CA CYS B 193 13.71 6.45 14.52
C CYS B 193 14.51 5.72 13.43
N LEU B 194 15.75 6.15 13.18
CA LEU B 194 16.66 5.44 12.28
C LEU B 194 17.39 4.25 12.92
N LEU B 195 17.36 4.15 14.24
CA LEU B 195 18.22 3.21 14.98
C LEU B 195 17.52 2.08 15.75
N TYR B 196 16.24 2.24 16.10
CA TYR B 196 15.52 1.28 16.93
C TYR B 196 14.13 0.96 16.38
N PRO B 197 13.64 -0.27 16.58
CA PRO B 197 12.24 -0.54 16.25
C PRO B 197 11.29 0.39 17.02
N PRO B 198 10.18 0.81 16.38
CA PRO B 198 9.26 1.78 16.99
C PRO B 198 8.66 1.38 18.34
N PHE B 199 8.31 0.12 18.51
CA PHE B 199 7.75 -0.37 19.77
C PHE B 199 8.70 -0.16 20.96
N MET B 200 10.02 -0.26 20.72
CA MET B 200 11.04 0.05 21.74
C MET B 200 11.04 1.54 22.09
N ILE B 201 10.89 2.40 21.07
CA ILE B 201 10.81 3.85 21.29
C ILE B 201 9.54 4.18 22.07
N ALA B 202 8.42 3.53 21.73
CA ALA B 202 7.19 3.67 22.50
C ALA B 202 7.39 3.29 23.98
N LEU B 203 8.07 2.17 24.22
CA LEU B 203 8.30 1.72 25.61
C LEU B 203 9.13 2.73 26.42
N ALA B 204 10.14 3.31 25.79
CA ALA B 204 10.98 4.34 26.41
C ALA B 204 10.21 5.61 26.76
N CYS B 205 9.44 6.10 25.80
CA CYS B 205 8.58 7.27 26.02
C CYS B 205 7.60 7.05 27.17
N LEU B 206 7.02 5.85 27.19
CA LEU B 206 6.10 5.47 28.26
C LEU B 206 6.79 5.40 29.63
N HIS B 207 8.04 4.91 29.64
CA HIS B 207 8.85 4.92 30.86
C HIS B 207 9.12 6.33 31.39
N VAL B 208 9.53 7.24 30.50
CA VAL B 208 9.82 8.62 30.86
C VAL B 208 8.55 9.31 31.37
N ALA B 209 7.43 9.08 30.70
CA ALA B 209 6.12 9.59 31.13
C ALA B 209 5.73 9.10 32.54
N CYS B 210 5.98 7.83 32.83
CA CYS B 210 5.76 7.28 34.18
C CYS B 210 6.67 7.92 35.26
N VAL B 211 7.93 8.17 34.91
CA VAL B 211 8.88 8.81 35.83
C VAL B 211 8.49 10.26 36.09
N VAL B 212 8.14 11.00 35.04
CA VAL B 212 7.72 12.39 35.15
C VAL B 212 6.45 12.56 36.01
N GLN B 213 5.50 11.63 35.89
CA GLN B 213 4.25 11.66 36.64
C GLN B 213 4.27 10.87 37.96
N GLN B 214 5.41 10.29 38.32
CA GLN B 214 5.62 9.54 39.56
C GLN B 214 4.68 8.34 39.68
N LYS B 215 4.47 7.65 38.55
CA LYS B 215 3.68 6.44 38.48
C LYS B 215 4.63 5.23 38.55
N ASP B 216 4.37 4.34 39.50
CA ASP B 216 5.14 3.11 39.66
C ASP B 216 4.59 2.09 38.66
N ALA B 217 5.34 1.86 37.57
CA ALA B 217 5.01 0.87 36.54
C ALA B 217 6.08 -0.23 36.41
N ARG B 218 6.89 -0.41 37.45
CA ARG B 218 8.06 -1.30 37.41
C ARG B 218 7.68 -2.76 37.21
N GLN B 219 6.63 -3.21 37.90
CA GLN B 219 6.10 -4.56 37.72
C GLN B 219 5.54 -4.79 36.30
N TRP B 220 4.86 -3.79 35.76
CA TRP B 220 4.36 -3.89 34.37
C TRP B 220 5.49 -4.02 33.36
N PHE B 221 6.55 -3.21 33.51
CA PHE B 221 7.73 -3.33 32.65
C PHE B 221 8.41 -4.70 32.80
N ALA B 222 8.53 -5.18 34.04
CA ALA B 222 9.06 -6.54 34.31
C ALA B 222 8.29 -7.68 33.65
N GLU B 223 6.97 -7.54 33.56
CA GLU B 223 6.12 -8.52 32.86
C GLU B 223 6.30 -8.60 31.34
N LEU B 224 7.04 -7.65 30.74
CA LEU B 224 7.37 -7.69 29.31
C LEU B 224 8.62 -8.53 29.02
N SER B 225 8.66 -9.08 27.81
CA SER B 225 9.83 -9.81 27.29
C SER B 225 10.55 -8.93 26.27
N VAL B 226 11.38 -8.02 26.77
CA VAL B 226 12.16 -7.10 25.91
C VAL B 226 13.55 -6.84 26.46
N ASP B 227 14.47 -6.48 25.56
CA ASP B 227 15.84 -6.11 25.93
C ASP B 227 15.81 -4.71 26.59
N MET B 228 15.80 -4.69 27.92
CA MET B 228 15.76 -3.43 28.68
C MET B 228 17.04 -2.59 28.60
N GLU B 229 18.15 -3.20 28.19
CA GLU B 229 19.38 -2.46 27.91
C GLU B 229 19.15 -1.46 26.77
N LYS B 230 18.50 -1.94 25.70
CA LYS B 230 18.19 -1.11 24.54
C LYS B 230 17.14 -0.03 24.87
N ILE B 231 16.21 -0.37 25.77
CA ILE B 231 15.22 0.59 26.25
C ILE B 231 15.91 1.71 27.03
N LEU B 232 16.86 1.34 27.90
CA LEU B 232 17.60 2.32 28.69
C LEU B 232 18.48 3.22 27.81
N GLU B 233 19.11 2.64 26.79
CA GLU B 233 19.80 3.44 25.76
C GLU B 233 18.89 4.54 25.20
N ILE B 234 17.65 4.15 24.83
CA ILE B 234 16.68 5.09 24.27
C ILE B 234 16.29 6.15 25.31
N ILE B 235 16.05 5.72 26.55
CA ILE B 235 15.70 6.63 27.66
C ILE B 235 16.77 7.71 27.84
N ARG B 236 18.05 7.31 27.78
CA ARG B 236 19.17 8.27 27.89
C ARG B 236 19.17 9.32 26.78
N VAL B 237 18.85 8.92 25.56
CA VAL B 237 18.76 9.88 24.45
C VAL B 237 17.59 10.85 24.63
N ILE B 238 16.47 10.36 25.17
CA ILE B 238 15.30 11.20 25.47
C ILE B 238 15.64 12.20 26.58
N LEU B 239 16.23 11.72 27.68
CA LEU B 239 16.65 12.61 28.78
C LEU B 239 17.67 13.66 28.32
N LYS B 240 18.57 13.28 27.42
CA LYS B 240 19.57 14.19 26.84
C LYS B 240 18.94 15.24 25.93
N LEU B 241 18.01 14.78 25.09
CA LEU B 241 17.17 15.64 24.24
C LEU B 241 16.58 16.86 24.97
N TYR B 242 16.04 16.64 26.16
CA TYR B 242 15.45 17.72 26.97
C TYR B 242 16.46 18.70 27.56
N GLU B 243 17.67 18.22 27.85
CA GLU B 243 18.77 19.10 28.26
C GLU B 243 19.28 19.92 27.09
N GLN B 244 19.44 19.27 25.93
CA GLN B 244 19.73 19.98 24.69
C GLN B 244 18.66 21.07 24.41
N TRP B 245 17.39 20.68 24.53
CA TRP B 245 16.24 21.61 24.37
C TRP B 245 16.38 22.84 25.24
N LYS B 246 16.67 22.62 26.52
CA LYS B 246 16.86 23.69 27.50
C LYS B 246 17.93 24.68 27.06
N ASN B 247 19.08 24.16 26.62
CA ASN B 247 20.25 24.98 26.30
C ASN B 247 20.25 25.57 24.87
N PHE B 248 19.30 25.15 24.04
CA PHE B 248 19.21 25.56 22.64
C PHE B 248 18.17 26.66 22.48
N ASP B 249 18.57 27.79 21.90
CA ASP B 249 17.62 28.82 21.48
C ASP B 249 17.66 28.86 19.97
N GLU B 250 16.74 28.14 19.35
CA GLU B 250 16.69 28.02 17.88
C GLU B 250 16.43 29.33 17.20
N ARG B 251 15.63 30.18 17.85
CA ARG B 251 15.28 31.48 17.30
C ARG B 251 16.47 32.41 17.19
N LYS B 252 17.33 32.42 18.21
CA LYS B 252 18.54 33.22 18.18
C LYS B 252 19.65 32.62 17.32
N GLU B 253 19.72 31.29 17.21
CA GLU B 253 20.89 30.61 16.60
C GLU B 253 20.78 30.15 15.14
N MET B 254 19.57 29.86 14.67
CA MET B 254 19.42 29.11 13.41
C MET B 254 19.86 29.85 12.15
N ALA B 255 19.72 31.17 12.12
CA ALA B 255 20.17 31.93 10.95
C ALA B 255 21.66 31.74 10.71
N THR B 256 22.45 31.85 11.78
CA THR B 256 23.91 31.65 11.74
C THR B 256 24.27 30.21 11.36
N ILE B 257 23.60 29.25 11.99
CA ILE B 257 23.84 27.83 11.73
C ILE B 257 23.52 27.48 10.27
N LEU B 258 22.38 27.95 9.79
CA LEU B 258 22.00 27.78 8.38
C LEU B 258 23.03 28.37 7.40
N SER B 259 23.64 29.50 7.76
CA SER B 259 24.67 30.11 6.90
C SER B 259 25.97 29.28 6.81
N LYS B 260 26.23 28.45 7.82
CA LYS B 260 27.37 27.54 7.83
C LYS B 260 27.17 26.25 7.04
N MET B 261 25.92 25.94 6.65
CA MET B 261 25.63 24.75 5.85
C MET B 261 26.40 24.79 4.55
N PRO B 262 26.97 23.65 4.13
CA PRO B 262 27.67 23.62 2.86
C PRO B 262 26.70 23.92 1.72
N LYS B 263 27.13 24.77 0.79
CA LYS B 263 26.28 25.28 -0.27
C LYS B 263 26.46 24.46 -1.57
N PRO B 264 25.38 24.28 -2.37
CA PRO B 264 25.45 23.49 -3.61
C PRO B 264 26.46 24.03 -4.61
N LYS B 265 27.26 23.14 -5.21
CA LYS B 265 28.12 23.53 -6.32
C LYS B 265 27.21 23.87 -7.50
N PRO B 266 27.37 25.07 -8.10
CA PRO B 266 26.56 25.42 -9.26
C PRO B 266 27.05 24.68 -10.51
N PRO B 267 26.25 24.67 -11.58
CA PRO B 267 26.76 24.10 -12.84
C PRO B 267 27.91 24.91 -13.44
N PRO B 268 28.74 24.28 -14.31
CA PRO B 268 29.89 24.99 -14.90
C PRO B 268 29.51 26.02 -15.97
C5 JRE C . 0.54 -8.48 -15.53
C6 JRE C . 1.63 -8.79 -14.71
C8 JRE C . 2.38 -9.94 -14.98
C10 JRE C . 1.07 -10.49 -16.78
C13 JRE C . -0.72 -8.89 -18.91
C15 JRE C . -3.06 -9.02 -19.27
C17 JRE C . -4.60 -9.62 -17.36
C21 JRE C . -4.07 -8.62 -21.47
C24 JRE C . -2.15 -9.46 -17.08
C1 JRE C . 0.52 -5.95 -15.36
C2 JRE C . -0.32 -7.24 -15.28
O4 JRE C . -0.93 -7.31 -13.99
CL7 JRE C . 2.15 -7.85 -13.32
N9 JRE C . 2.09 -10.74 -15.98
C11 JRE C . 0.28 -9.36 -16.61
C12 JRE C . -0.86 -9.21 -17.56
N14 JRE C . -1.81 -8.79 -19.69
C16 JRE C . -3.25 -9.35 -17.93
C18 JRE C . -5.58 -10.04 -18.46
C19 JRE C . -5.55 -8.98 -19.56
N20 JRE C . -4.18 -8.88 -20.14
N22 JRE C . -2.88 -8.49 -22.13
O23 JRE C . -5.08 -8.50 -22.14
C1 EDO D . 12.95 -1.53 -5.40
O1 EDO D . 11.96 -2.53 -5.69
C2 EDO D . 12.78 -0.36 -6.37
O2 EDO D . 13.44 -0.58 -7.63
C FMT E . 1.32 0.98 8.82
O1 FMT E . 1.76 -0.10 9.19
O2 FMT E . 2.16 1.98 8.62
C FMT F . 19.20 15.86 9.08
O1 FMT F . 18.98 17.02 9.39
O2 FMT F . 18.53 14.86 9.68
C FMT G . 26.56 13.87 -1.35
O1 FMT G . 26.52 13.81 -0.12
O2 FMT G . 26.11 14.96 -1.97
#